data_8AAI
#
_entry.id   8AAI
#
_cell.length_a   29.114
_cell.length_b   56.130
_cell.length_c   102.867
_cell.angle_alpha   82.710
_cell.angle_beta   83.462
_cell.angle_gamma   77.033
#
_symmetry.space_group_name_H-M   'P 1'
#
loop_
_entity.id
_entity.type
_entity.pdbx_description
1 polymer Syntenin-1
2 non-polymer '(2~{S})-2-[[(2~{S})-3-methyl-2-(3-oxidanylidene-1~{H}-isoindol-2-yl)butanoyl]amino]propanoic acid'
3 water water
#
_entity_poly.entity_id   1
_entity_poly.type   'polypeptide(L)'
_entity_poly.pdbx_seq_one_letter_code
;GAMDPREVILCKDQDGKIGLRLKSIDNGIFVQLVQANSPASLVGLRFGDQVLQINGENCAGWSSDKAHKVLKQAFGEKIT
MTIRDRPFERTITMHKDSTGHVGFIFKNGKITSIVKDSSAARNGLLTEHNICEINGQNVIGLKDSQIADILSTSGTVVTI
TIMPAF
;
_entity_poly.pdbx_strand_id   A,B,C,D
#
# COMPACT_ATOMS: atom_id res chain seq x y z
N ASP A 4 10.63 -12.11 19.48
CA ASP A 4 9.34 -11.44 19.84
C ASP A 4 9.46 -10.94 21.29
N PRO A 5 8.52 -10.09 21.77
CA PRO A 5 8.50 -9.68 23.18
C PRO A 5 8.00 -10.79 24.09
N ARG A 6 7.95 -10.50 25.39
CA ARG A 6 7.44 -11.44 26.37
C ARG A 6 7.03 -10.68 27.64
N GLU A 7 6.15 -11.31 28.43
CA GLU A 7 5.64 -10.73 29.65
C GLU A 7 6.40 -11.31 30.84
N VAL A 8 6.56 -10.50 31.91
CA VAL A 8 7.18 -10.98 33.14
C VAL A 8 6.41 -10.43 34.33
N ILE A 9 6.23 -11.27 35.36
CA ILE A 9 5.63 -10.87 36.62
C ILE A 9 6.68 -11.01 37.71
N LEU A 10 6.79 -10.00 38.57
CA LEU A 10 7.78 -10.00 39.64
C LEU A 10 7.27 -9.20 40.83
N CYS A 11 7.79 -9.53 42.02
CA CYS A 11 7.30 -8.99 43.28
C CYS A 11 8.36 -8.06 43.89
N LYS A 12 7.89 -7.14 44.73
CA LYS A 12 8.75 -6.17 45.39
C LYS A 12 9.30 -6.79 46.66
N ASP A 13 10.58 -6.51 46.95
CA ASP A 13 11.27 -7.06 48.11
C ASP A 13 10.89 -6.29 49.36
N GLN A 14 11.54 -6.64 50.48
CA GLN A 14 11.28 -6.06 51.80
C GLN A 14 11.42 -4.54 51.75
N ASP A 15 12.46 -4.05 51.05
CA ASP A 15 12.76 -2.62 51.02
C ASP A 15 11.90 -1.91 49.97
N GLY A 16 11.03 -2.68 49.27
CA GLY A 16 10.03 -2.11 48.39
C GLY A 16 10.62 -1.67 47.06
N LYS A 17 11.49 -2.51 46.49
CA LYS A 17 12.15 -2.25 45.22
C LYS A 17 12.34 -3.58 44.48
N ILE A 18 12.81 -3.50 43.24
CA ILE A 18 12.97 -4.66 42.38
C ILE A 18 14.45 -4.86 42.03
N GLY A 19 15.30 -3.89 42.38
CA GLY A 19 16.73 -3.96 42.07
C GLY A 19 16.99 -3.73 40.59
N LEU A 20 16.54 -2.58 40.09
CA LEU A 20 16.54 -2.29 38.67
C LEU A 20 16.71 -0.79 38.44
N ARG A 21 17.53 -0.43 37.45
CA ARG A 21 17.64 0.95 36.98
C ARG A 21 17.21 0.99 35.51
N LEU A 22 16.42 2.01 35.16
CA LEU A 22 15.92 2.20 33.80
C LEU A 22 16.48 3.49 33.22
N LYS A 23 16.79 3.48 31.92
CA LYS A 23 17.32 4.64 31.23
C LYS A 23 16.49 4.91 29.96
N SER A 24 16.09 6.17 29.78
CA SER A 24 15.41 6.61 28.57
C SER A 24 16.44 6.85 27.47
N ILE A 25 16.32 6.07 26.38
CA ILE A 25 17.23 6.17 25.25
C ILE A 25 16.40 6.19 23.96
N ASP A 26 16.39 7.34 23.28
CA ASP A 26 15.69 7.50 22.00
C ASP A 26 14.21 7.17 22.17
N ASN A 27 13.58 7.80 23.17
CA ASN A 27 12.16 7.66 23.43
C ASN A 27 11.81 6.20 23.66
N GLY A 28 12.68 5.50 24.40
CA GLY A 28 12.44 4.12 24.80
C GLY A 28 13.13 3.82 26.12
N ILE A 29 12.56 2.91 26.91
CA ILE A 29 13.07 2.61 28.24
C ILE A 29 13.89 1.33 28.18
N PHE A 30 15.06 1.35 28.84
CA PHE A 30 16.02 0.26 28.79
C PHE A 30 16.58 -0.03 30.18
N VAL A 31 16.92 -1.29 30.43
CA VAL A 31 17.47 -1.74 31.69
C VAL A 31 18.95 -1.36 31.75
N GLN A 32 19.30 -0.50 32.73
CA GLN A 32 20.65 0.01 32.87
C GLN A 32 21.47 -0.87 33.81
N LEU A 33 20.84 -1.40 34.87
CA LEU A 33 21.53 -2.35 35.75
C LEU A 33 20.52 -3.20 36.51
N VAL A 34 20.87 -4.48 36.69
CA VAL A 34 20.06 -5.44 37.41
C VAL A 34 20.85 -5.95 38.61
N GLN A 35 20.45 -5.53 39.82
CA GLN A 35 21.15 -5.90 41.05
C GLN A 35 21.00 -7.40 41.29
N ALA A 36 22.05 -8.01 41.86
CA ALA A 36 22.16 -9.45 41.97
C ALA A 36 21.17 -10.00 43.00
N ASN A 37 20.64 -11.20 42.71
CA ASN A 37 19.76 -11.94 43.60
C ASN A 37 18.49 -11.15 43.87
N SER A 38 18.10 -10.28 42.92
CA SER A 38 16.93 -9.44 43.07
C SER A 38 15.75 -10.06 42.34
N PRO A 39 14.49 -9.60 42.60
CA PRO A 39 13.33 -10.06 41.82
C PRO A 39 13.50 -9.90 40.31
N ALA A 40 14.21 -8.84 39.90
CA ALA A 40 14.56 -8.62 38.51
C ALA A 40 15.46 -9.76 38.01
N SER A 41 16.46 -10.12 38.81
CA SER A 41 17.42 -11.15 38.46
C SER A 41 16.73 -12.48 38.19
N LEU A 42 15.79 -12.86 39.07
CA LEU A 42 15.18 -14.19 39.06
C LEU A 42 14.41 -14.46 37.76
N VAL A 43 13.70 -13.46 37.24
CA VAL A 43 12.85 -13.62 36.07
C VAL A 43 13.66 -13.35 34.79
N GLY A 44 14.98 -13.16 34.95
CA GLY A 44 15.92 -13.17 33.85
C GLY A 44 16.05 -11.83 33.15
N LEU A 45 15.79 -10.72 33.86
CA LEU A 45 16.07 -9.39 33.34
C LEU A 45 17.58 -9.18 33.32
N ARG A 46 18.07 -8.52 32.27
CA ARG A 46 19.48 -8.25 32.08
C ARG A 46 19.66 -6.85 31.50
N PHE A 47 20.81 -6.24 31.80
CA PHE A 47 21.20 -4.97 31.21
C PHE A 47 21.07 -5.04 29.70
N GLY A 48 20.27 -4.12 29.13
CA GLY A 48 20.10 -4.04 27.69
C GLY A 48 18.66 -4.27 27.24
N ASP A 49 17.87 -4.95 28.08
CA ASP A 49 16.49 -5.27 27.75
C ASP A 49 15.69 -3.98 27.53
N GLN A 50 14.74 -4.02 26.58
CA GLN A 50 13.88 -2.90 26.28
C GLN A 50 12.52 -3.11 26.97
N VAL A 51 12.04 -2.06 27.64
CA VAL A 51 10.75 -2.09 28.33
C VAL A 51 9.71 -1.45 27.42
N LEU A 52 8.73 -2.27 26.99
CA LEU A 52 7.68 -1.84 26.08
C LEU A 52 6.49 -1.30 26.89
N GLN A 53 6.04 -2.09 27.87
CA GLN A 53 4.95 -1.69 28.76
C GLN A 53 5.35 -1.95 30.21
N ILE A 54 4.79 -1.12 31.12
CA ILE A 54 4.81 -1.37 32.55
C ILE A 54 3.37 -1.35 33.07
N ASN A 55 2.88 -2.51 33.51
CA ASN A 55 1.51 -2.69 33.96
C ASN A 55 0.52 -2.29 32.87
N GLY A 56 0.82 -2.64 31.62
CA GLY A 56 -0.09 -2.43 30.50
C GLY A 56 0.17 -1.14 29.72
N GLU A 57 0.70 -0.11 30.39
CA GLU A 57 0.90 1.19 29.77
C GLU A 57 2.21 1.21 29.00
N ASN A 58 2.19 1.81 27.80
CA ASN A 58 3.36 1.90 26.94
C ASN A 58 4.37 2.88 27.56
N CYS A 59 5.65 2.55 27.44
CA CYS A 59 6.73 3.35 28.01
C CYS A 59 7.26 4.37 27.01
N ALA A 60 6.87 4.23 25.73
CA ALA A 60 7.34 5.12 24.69
C ALA A 60 7.18 6.57 25.13
N GLY A 61 8.31 7.30 25.19
CA GLY A 61 8.30 8.73 25.47
C GLY A 61 8.62 9.07 26.92
N TRP A 62 8.49 8.09 27.83
CA TRP A 62 8.75 8.31 29.24
C TRP A 62 10.22 8.69 29.47
N SER A 63 10.44 9.62 30.41
CA SER A 63 11.78 9.91 30.89
C SER A 63 12.21 8.83 31.87
N SER A 64 13.48 8.85 32.26
CA SER A 64 14.01 7.94 33.28
C SER A 64 13.28 8.18 34.61
N ASP A 65 12.98 9.45 34.89
CA ASP A 65 12.33 9.86 36.13
C ASP A 65 10.89 9.36 36.14
N LYS A 66 10.19 9.52 35.02
CA LYS A 66 8.81 9.08 34.86
C LYS A 66 8.72 7.57 35.05
N ALA A 67 9.64 6.84 34.43
CA ALA A 67 9.63 5.38 34.44
C ALA A 67 9.84 4.86 35.87
N HIS A 68 10.72 5.52 36.64
CA HIS A 68 11.01 5.11 38.01
C HIS A 68 9.87 5.49 38.94
N LYS A 69 9.16 6.57 38.60
CA LYS A 69 8.07 7.07 39.43
C LYS A 69 6.84 6.17 39.27
N VAL A 70 6.71 5.51 38.11
CA VAL A 70 5.62 4.58 37.87
C VAL A 70 5.79 3.36 38.78
N LEU A 71 7.01 2.83 38.83
CA LEU A 71 7.31 1.64 39.62
C LEU A 71 7.20 1.94 41.11
N LYS A 72 7.58 3.16 41.50
CA LYS A 72 7.62 3.57 42.90
C LYS A 72 6.21 3.57 43.49
N GLN A 73 5.22 4.08 42.73
CA GLN A 73 3.85 4.18 43.21
C GLN A 73 3.01 3.07 42.61
N ALA A 74 3.65 2.08 41.97
CA ALA A 74 2.94 0.93 41.41
C ALA A 74 2.27 0.16 42.54
N PHE A 75 1.01 -0.23 42.33
CA PHE A 75 0.09 -0.49 43.42
C PHE A 75 0.49 -1.75 44.18
N GLY A 76 0.15 -2.92 43.64
CA GLY A 76 0.08 -4.14 44.42
C GLY A 76 1.43 -4.84 44.60
N GLU A 77 1.37 -6.08 45.08
CA GLU A 77 2.53 -6.93 45.25
C GLU A 77 3.25 -7.17 43.92
N LYS A 78 2.49 -7.27 42.83
CA LYS A 78 2.99 -7.79 41.57
C LYS A 78 2.94 -6.72 40.48
N ILE A 79 4.10 -6.53 39.83
CA ILE A 79 4.23 -5.64 38.69
C ILE A 79 4.42 -6.49 37.44
N THR A 80 3.80 -6.06 36.34
CA THR A 80 3.89 -6.77 35.07
C THR A 80 4.62 -5.89 34.06
N MET A 81 5.45 -6.53 33.22
CA MET A 81 6.30 -5.80 32.29
C MET A 81 6.42 -6.58 30.99
N THR A 82 6.22 -5.89 29.86
CA THR A 82 6.46 -6.45 28.54
C THR A 82 7.87 -6.05 28.10
N ILE A 83 8.70 -7.05 27.77
CA ILE A 83 10.11 -6.81 27.51
C ILE A 83 10.49 -7.38 26.15
N ARG A 84 11.42 -6.69 25.47
CA ARG A 84 12.10 -7.22 24.31
C ARG A 84 13.56 -7.48 24.70
N ASP A 85 14.03 -8.71 24.44
CA ASP A 85 15.31 -9.18 24.94
C ASP A 85 16.46 -8.53 24.15
N ARG A 86 17.32 -7.81 24.87
CA ARG A 86 18.53 -7.20 24.35
C ARG A 86 18.48 -7.09 22.83
N PRO A 87 17.80 -6.06 22.27
CA PRO A 87 17.80 -5.86 20.82
C PRO A 87 19.09 -5.30 20.21
N PHE A 88 19.98 -4.77 21.04
CA PHE A 88 21.25 -4.21 20.56
C PHE A 88 22.41 -5.17 20.83
N GLU A 89 22.09 -6.47 21.01
CA GLU A 89 23.10 -7.46 21.39
C GLU A 89 23.96 -7.80 20.18
N ARG A 90 25.28 -7.74 20.37
CA ARG A 90 26.23 -8.31 19.44
C ARG A 90 27.25 -9.16 20.20
N THR A 91 27.39 -10.42 19.77
CA THR A 91 28.40 -11.31 20.30
C THR A 91 29.55 -11.40 19.30
N ILE A 92 30.78 -11.43 19.82
CA ILE A 92 31.98 -11.51 18.99
C ILE A 92 33.00 -12.40 19.70
N THR A 93 33.50 -13.41 18.97
CA THR A 93 34.50 -14.33 19.49
C THR A 93 35.88 -13.92 18.98
N MET A 94 36.84 -13.87 19.92
CA MET A 94 38.21 -13.45 19.63
C MET A 94 39.18 -14.46 20.23
N HIS A 95 40.44 -14.43 19.77
CA HIS A 95 41.46 -15.34 20.27
C HIS A 95 42.67 -14.53 20.75
N LYS A 96 43.22 -14.93 21.91
CA LYS A 96 44.39 -14.28 22.48
C LYS A 96 45.62 -14.61 21.65
N ASP A 97 46.57 -13.66 21.61
CA ASP A 97 47.82 -13.85 20.90
C ASP A 97 48.83 -14.52 21.83
N SER A 98 50.12 -14.45 21.48
CA SER A 98 51.18 -14.99 22.30
C SER A 98 51.26 -14.26 23.64
N THR A 99 51.07 -12.93 23.62
CA THR A 99 51.16 -12.10 24.81
C THR A 99 49.90 -12.22 25.67
N GLY A 100 48.92 -13.02 25.21
CA GLY A 100 47.70 -13.27 25.96
C GLY A 100 46.74 -12.09 25.89
N HIS A 101 46.60 -11.50 24.69
CA HIS A 101 45.82 -10.29 24.49
C HIS A 101 45.03 -10.40 23.19
N VAL A 102 43.79 -9.90 23.20
CA VAL A 102 42.91 -9.93 22.04
C VAL A 102 43.00 -8.59 21.31
N GLY A 103 43.27 -7.50 22.06
CA GLY A 103 43.73 -6.26 21.48
C GLY A 103 42.66 -5.17 21.45
N PHE A 104 42.28 -4.68 22.63
CA PHE A 104 41.51 -3.45 22.76
C PHE A 104 41.75 -2.81 24.12
N ILE A 105 41.49 -1.50 24.18
CA ILE A 105 41.59 -0.70 25.39
C ILE A 105 40.17 -0.33 25.81
N PHE A 106 39.93 -0.24 27.13
CA PHE A 106 38.63 0.14 27.65
C PHE A 106 38.77 1.03 28.89
N LYS A 107 37.76 1.86 29.12
CA LYS A 107 37.65 2.67 30.33
C LYS A 107 36.19 2.74 30.75
N ASN A 108 35.94 2.51 32.05
CA ASN A 108 34.60 2.43 32.63
C ASN A 108 33.77 1.39 31.88
N GLY A 109 34.39 0.26 31.54
CA GLY A 109 33.70 -0.86 30.91
C GLY A 109 33.22 -0.54 29.49
N LYS A 110 33.91 0.38 28.81
CA LYS A 110 33.55 0.78 27.46
C LYS A 110 34.80 0.80 26.59
N ILE A 111 34.71 0.16 25.42
CA ILE A 111 35.84 0.01 24.51
C ILE A 111 36.18 1.38 23.91
N THR A 112 37.44 1.79 24.05
CA THR A 112 37.87 3.13 23.67
C THR A 112 38.83 3.10 22.48
N SER A 113 39.51 1.97 22.24
CA SER A 113 40.47 1.86 21.16
C SER A 113 40.75 0.41 20.82
N ILE A 114 41.07 0.15 19.53
CA ILE A 114 41.39 -1.18 19.05
C ILE A 114 42.88 -1.21 18.71
N VAL A 115 43.52 -2.36 19.01
CA VAL A 115 44.95 -2.53 18.77
C VAL A 115 45.16 -3.06 17.36
N LYS A 116 46.14 -2.47 16.66
CA LYS A 116 46.38 -2.73 15.24
C LYS A 116 46.76 -4.20 15.04
N ASP A 117 46.15 -4.81 14.02
CA ASP A 117 46.48 -6.17 13.58
C ASP A 117 46.36 -7.14 14.75
N SER A 118 45.31 -6.95 15.56
CA SER A 118 44.99 -7.84 16.66
C SER A 118 43.82 -8.74 16.25
N SER A 119 43.36 -9.57 17.18
CA SER A 119 42.19 -10.41 16.95
C SER A 119 40.92 -9.56 16.92
N ALA A 120 40.92 -8.47 17.70
CA ALA A 120 39.79 -7.55 17.75
C ALA A 120 39.67 -6.78 16.45
N ALA A 121 40.82 -6.37 15.88
CA ALA A 121 40.86 -5.67 14.61
C ALA A 121 40.39 -6.58 13.48
N ARG A 122 40.82 -7.86 13.55
CA ARG A 122 40.51 -8.86 12.55
C ARG A 122 39.00 -9.11 12.48
N ASN A 123 38.32 -9.04 13.63
CA ASN A 123 36.91 -9.38 13.72
C ASN A 123 36.05 -8.11 13.70
N GLY A 124 36.68 -6.94 13.64
CA GLY A 124 35.96 -5.69 13.41
C GLY A 124 35.18 -5.23 14.64
N LEU A 125 35.84 -5.23 15.80
CA LEU A 125 35.28 -4.69 17.02
C LEU A 125 35.25 -3.16 16.94
N LEU A 126 34.24 -2.56 17.59
CA LEU A 126 33.99 -1.12 17.49
C LEU A 126 34.15 -0.49 18.87
N THR A 127 34.58 0.79 18.87
CA THR A 127 34.64 1.57 20.10
C THR A 127 33.26 2.09 20.45
N GLU A 128 33.16 2.77 21.59
CA GLU A 128 31.91 3.32 22.08
C GLU A 128 30.88 2.20 22.22
N HIS A 129 31.34 1.06 22.74
CA HIS A 129 30.49 -0.07 23.06
C HIS A 129 30.84 -0.58 24.45
N ASN A 130 29.81 -0.78 25.28
CA ASN A 130 29.98 -1.28 26.63
C ASN A 130 30.12 -2.81 26.59
N ILE A 131 31.00 -3.35 27.44
CA ILE A 131 31.14 -4.79 27.61
C ILE A 131 30.07 -5.23 28.60
N CYS A 132 29.25 -6.22 28.20
CA CYS A 132 28.14 -6.69 28.99
C CYS A 132 28.49 -8.02 29.66
N GLU A 133 28.97 -8.97 28.85
CA GLU A 133 29.36 -10.28 29.33
C GLU A 133 30.74 -10.64 28.80
N ILE A 134 31.39 -11.60 29.47
CA ILE A 134 32.61 -12.22 28.98
C ILE A 134 32.52 -13.72 29.25
N ASN A 135 32.26 -14.50 28.20
CA ASN A 135 32.08 -15.94 28.27
C ASN A 135 30.94 -16.28 29.24
N GLY A 136 29.86 -15.49 29.19
CA GLY A 136 28.68 -15.74 30.01
C GLY A 136 28.66 -14.97 31.31
N GLN A 137 29.84 -14.52 31.77
CA GLN A 137 29.96 -13.79 33.03
C GLN A 137 29.62 -12.32 32.80
N ASN A 138 28.60 -11.84 33.54
CA ASN A 138 28.17 -10.46 33.44
C ASN A 138 29.20 -9.55 34.11
N VAL A 139 29.55 -8.44 33.45
CA VAL A 139 30.59 -7.55 33.94
C VAL A 139 30.04 -6.12 34.08
N ILE A 140 28.71 -5.98 34.08
CA ILE A 140 28.09 -4.68 34.28
C ILE A 140 28.19 -4.31 35.76
N GLY A 141 28.68 -3.09 36.03
CA GLY A 141 28.81 -2.59 37.38
C GLY A 141 30.08 -3.08 38.09
N LEU A 142 31.03 -3.61 37.32
CA LEU A 142 32.33 -3.98 37.85
C LEU A 142 33.33 -2.86 37.54
N LYS A 143 34.38 -2.79 38.36
CA LYS A 143 35.48 -1.86 38.13
C LYS A 143 36.37 -2.42 37.02
N ASP A 144 37.16 -1.53 36.41
CA ASP A 144 37.96 -1.89 35.25
C ASP A 144 38.94 -3.01 35.61
N SER A 145 39.50 -2.93 36.83
CA SER A 145 40.47 -3.90 37.31
C SER A 145 39.83 -5.28 37.45
N GLN A 146 38.55 -5.33 37.84
CA GLN A 146 37.82 -6.58 38.01
C GLN A 146 37.52 -7.19 36.64
N ILE A 147 37.33 -6.35 35.63
CA ILE A 147 37.12 -6.80 34.26
C ILE A 147 38.43 -7.42 33.75
N ALA A 148 39.55 -6.73 34.00
CA ALA A 148 40.86 -7.18 33.55
C ALA A 148 41.20 -8.54 34.14
N ASP A 149 40.78 -8.77 35.40
CA ASP A 149 40.98 -10.05 36.06
C ASP A 149 40.28 -11.16 35.28
N ILE A 150 39.04 -10.90 34.84
CA ILE A 150 38.24 -11.89 34.13
C ILE A 150 38.87 -12.17 32.77
N LEU A 151 39.35 -11.11 32.10
CA LEU A 151 40.04 -11.24 30.82
C LEU A 151 41.31 -12.08 31.00
N SER A 152 42.08 -11.75 32.05
CA SER A 152 43.34 -12.42 32.32
C SER A 152 43.12 -13.90 32.62
N THR A 153 42.03 -14.20 33.35
CA THR A 153 41.75 -15.54 33.82
C THR A 153 40.93 -16.31 32.78
N SER A 154 40.68 -15.69 31.63
CA SER A 154 40.04 -16.39 30.51
C SER A 154 41.04 -17.29 29.82
N GLY A 155 40.52 -18.27 29.06
CA GLY A 155 41.32 -19.09 28.17
C GLY A 155 41.72 -18.30 26.92
N THR A 156 42.11 -19.03 25.86
CA THR A 156 42.52 -18.41 24.62
C THR A 156 41.31 -17.81 23.91
N VAL A 157 40.18 -18.53 23.93
CA VAL A 157 38.97 -18.11 23.25
C VAL A 157 38.20 -17.14 24.16
N VAL A 158 37.97 -15.93 23.65
CA VAL A 158 37.31 -14.87 24.42
C VAL A 158 36.07 -14.41 23.65
N THR A 159 34.89 -14.81 24.14
CA THR A 159 33.62 -14.34 23.60
C THR A 159 33.08 -13.23 24.49
N ILE A 160 32.78 -12.07 23.89
CA ILE A 160 32.21 -10.95 24.64
C ILE A 160 30.91 -10.51 23.97
N THR A 161 30.00 -9.97 24.78
CA THR A 161 28.78 -9.36 24.30
C THR A 161 28.89 -7.85 24.49
N ILE A 162 28.48 -7.09 23.46
CA ILE A 162 28.64 -5.65 23.47
C ILE A 162 27.34 -4.97 23.07
N MET A 163 27.28 -3.66 23.32
CA MET A 163 26.12 -2.84 23.05
C MET A 163 26.61 -1.40 22.84
N PRO A 164 25.93 -0.59 21.99
CA PRO A 164 26.26 0.83 21.86
C PRO A 164 26.13 1.55 23.21
N ALA A 165 27.03 2.51 23.45
CA ALA A 165 27.10 3.21 24.72
C ALA A 165 25.94 4.22 24.82
N ASP B 4 -35.38 -8.25 -12.98
CA ASP B 4 -36.55 -7.35 -12.74
C ASP B 4 -36.31 -6.57 -11.46
N PRO B 5 -37.11 -5.52 -11.14
CA PRO B 5 -37.01 -4.81 -9.86
C PRO B 5 -37.59 -5.63 -8.71
N ARG B 6 -37.60 -5.05 -7.51
CA ARG B 6 -38.19 -5.70 -6.35
C ARG B 6 -38.55 -4.66 -5.30
N GLU B 7 -39.47 -5.04 -4.39
CA GLU B 7 -39.95 -4.18 -3.33
C GLU B 7 -39.18 -4.52 -2.04
N VAL B 8 -39.00 -3.50 -1.18
CA VAL B 8 -38.45 -3.71 0.15
C VAL B 8 -39.23 -2.86 1.16
N ILE B 9 -39.48 -3.47 2.32
CA ILE B 9 -40.14 -2.79 3.43
C ILE B 9 -39.14 -2.71 4.59
N LEU B 10 -39.07 -1.54 5.23
CA LEU B 10 -38.13 -1.31 6.31
C LEU B 10 -38.70 -0.31 7.31
N CYS B 11 -38.18 -0.37 8.55
CA CYS B 11 -38.55 0.51 9.63
C CYS B 11 -37.42 1.48 9.95
N LYS B 12 -37.74 2.56 10.66
CA LYS B 12 -36.76 3.48 11.18
C LYS B 12 -36.21 2.95 12.50
N ASP B 13 -34.91 3.13 12.73
CA ASP B 13 -34.23 2.63 13.90
C ASP B 13 -34.49 3.56 15.10
N GLN B 14 -33.84 3.24 16.22
CA GLN B 14 -33.99 3.97 17.48
C GLN B 14 -33.70 5.46 17.28
N ASP B 15 -32.63 5.77 16.52
CA ASP B 15 -32.18 7.14 16.34
C ASP B 15 -32.98 7.83 15.23
N GLY B 16 -33.95 7.11 14.64
CA GLY B 16 -34.92 7.71 13.74
C GLY B 16 -34.34 7.95 12.34
N LYS B 17 -33.60 6.96 11.84
CA LYS B 17 -32.99 7.01 10.53
C LYS B 17 -32.97 5.61 9.92
N ILE B 18 -32.57 5.53 8.65
CA ILE B 18 -32.50 4.26 7.93
C ILE B 18 -31.06 3.92 7.56
N GLY B 19 -30.15 4.89 7.70
CA GLY B 19 -28.73 4.68 7.43
C GLY B 19 -28.45 4.53 5.94
N LEU B 20 -28.86 5.56 5.17
CA LEU B 20 -28.79 5.50 3.72
C LEU B 20 -28.54 6.91 3.18
N ARG B 21 -27.68 7.01 2.17
CA ARG B 21 -27.49 8.22 1.39
C ARG B 21 -27.90 7.95 -0.05
N LEU B 22 -28.65 8.89 -0.63
CA LEU B 22 -29.13 8.79 -2.00
C LEU B 22 -28.51 9.91 -2.83
N LYS B 23 -28.18 9.59 -4.08
CA LYS B 23 -27.59 10.56 -5.00
C LYS B 23 -28.38 10.57 -6.30
N SER B 24 -28.72 11.78 -6.77
CA SER B 24 -29.34 11.98 -8.06
C SER B 24 -28.27 11.92 -9.14
N ILE B 25 -28.41 10.93 -10.04
CA ILE B 25 -27.48 10.75 -11.14
C ILE B 25 -28.30 10.55 -12.43
N ASP B 26 -28.22 11.56 -13.31
CA ASP B 26 -28.90 11.55 -14.60
C ASP B 26 -30.40 11.37 -14.38
N ASN B 27 -30.98 12.19 -13.48
CA ASN B 27 -32.40 12.19 -13.21
C ASN B 27 -32.87 10.79 -12.79
N GLY B 28 -32.05 10.16 -11.93
CA GLY B 28 -32.39 8.91 -11.27
C GLY B 28 -31.72 8.84 -9.90
N ILE B 29 -32.35 8.15 -8.94
CA ILE B 29 -31.86 8.11 -7.57
C ILE B 29 -31.11 6.81 -7.35
N PHE B 30 -29.96 6.92 -6.67
CA PHE B 30 -29.05 5.81 -6.48
C PHE B 30 -28.52 5.80 -5.04
N VAL B 31 -28.25 4.59 -4.52
CA VAL B 31 -27.74 4.40 -3.18
C VAL B 31 -26.25 4.72 -3.16
N GLN B 32 -25.86 5.74 -2.39
CA GLN B 32 -24.48 6.20 -2.33
C GLN B 32 -23.73 5.51 -1.20
N LEU B 33 -24.41 5.26 -0.07
CA LEU B 33 -23.77 4.58 1.05
C LEU B 33 -24.84 3.96 1.96
N VAL B 34 -24.55 2.74 2.43
CA VAL B 34 -25.43 1.99 3.32
C VAL B 34 -24.69 1.73 4.62
N GLN B 35 -25.09 2.43 5.69
CA GLN B 35 -24.42 2.33 6.98
C GLN B 35 -24.69 0.96 7.58
N ALA B 36 -23.68 0.45 8.31
CA ALA B 36 -23.66 -0.94 8.76
C ALA B 36 -24.69 -1.17 9.86
N ASN B 37 -25.29 -2.37 9.85
CA ASN B 37 -26.22 -2.83 10.86
C ASN B 37 -27.45 -1.93 10.90
N SER B 38 -27.78 -1.31 9.77
CA SER B 38 -28.90 -0.40 9.67
C SER B 38 -30.10 -1.12 9.05
N PRO B 39 -31.33 -0.57 9.16
CA PRO B 39 -32.49 -1.14 8.47
C PRO B 39 -32.29 -1.33 6.96
N ALA B 40 -31.50 -0.43 6.35
CA ALA B 40 -31.11 -0.55 4.95
C ALA B 40 -30.27 -1.81 4.75
N SER B 41 -29.31 -2.02 5.65
CA SER B 41 -28.39 -3.15 5.58
C SER B 41 -29.15 -4.49 5.60
N LEU B 42 -30.13 -4.61 6.51
CA LEU B 42 -30.78 -5.88 6.78
C LEU B 42 -31.53 -6.42 5.57
N VAL B 43 -32.21 -5.53 4.81
CA VAL B 43 -33.03 -5.96 3.69
C VAL B 43 -32.20 -6.00 2.41
N GLY B 44 -30.89 -5.79 2.55
CA GLY B 44 -29.93 -6.08 1.49
C GLY B 44 -29.76 -4.95 0.48
N LEU B 45 -30.00 -3.70 0.92
CA LEU B 45 -29.63 -2.54 0.12
C LEU B 45 -28.10 -2.43 0.08
N ARG B 46 -27.58 -2.03 -1.08
CA ARG B 46 -26.15 -1.93 -1.30
C ARG B 46 -25.87 -0.71 -2.18
N PHE B 47 -24.68 -0.13 -2.00
CA PHE B 47 -24.20 0.95 -2.84
C PHE B 47 -24.32 0.54 -4.30
N GLY B 48 -25.04 1.35 -5.09
CA GLY B 48 -25.18 1.14 -6.53
C GLY B 48 -26.62 0.88 -6.95
N ASP B 49 -27.47 0.46 -6.01
CA ASP B 49 -28.86 0.14 -6.29
C ASP B 49 -29.57 1.39 -6.81
N GLN B 50 -30.51 1.20 -7.75
CA GLN B 50 -31.32 2.28 -8.29
C GLN B 50 -32.68 2.29 -7.60
N VAL B 51 -33.11 3.48 -7.17
CA VAL B 51 -34.39 3.66 -6.52
C VAL B 51 -35.41 4.12 -7.56
N LEU B 52 -36.43 3.28 -7.81
CA LEU B 52 -37.44 3.55 -8.82
C LEU B 52 -38.61 4.32 -8.18
N GLN B 53 -39.11 3.80 -7.05
CA GLN B 53 -40.19 4.42 -6.30
C GLN B 53 -39.82 4.49 -4.82
N ILE B 54 -40.35 5.52 -4.13
CA ILE B 54 -40.36 5.60 -2.68
C ILE B 54 -41.79 5.81 -2.21
N ASN B 55 -42.35 4.80 -1.53
CA ASN B 55 -43.73 4.78 -1.09
C ASN B 55 -44.69 4.97 -2.27
N GLY B 56 -44.37 4.33 -3.41
CA GLY B 56 -45.27 4.32 -4.56
C GLY B 56 -44.94 5.39 -5.60
N GLU B 57 -44.38 6.53 -5.17
CA GLU B 57 -44.11 7.64 -6.06
C GLU B 57 -42.78 7.43 -6.79
N ASN B 58 -42.76 7.73 -8.08
CA ASN B 58 -41.57 7.59 -8.91
C ASN B 58 -40.53 8.63 -8.51
N CYS B 59 -39.26 8.22 -8.52
CA CYS B 59 -38.16 9.08 -8.11
C CYS B 59 -37.55 9.82 -9.29
N ALA B 60 -37.93 9.43 -10.51
CA ALA B 60 -37.42 10.05 -11.72
C ALA B 60 -37.55 11.57 -11.60
N GLY B 61 -36.41 12.27 -11.68
CA GLY B 61 -36.39 13.72 -11.72
C GLY B 61 -36.00 14.34 -10.38
N TRP B 62 -36.17 13.59 -9.29
CA TRP B 62 -35.91 14.09 -7.94
C TRP B 62 -34.44 14.44 -7.78
N SER B 63 -34.17 15.54 -7.07
CA SER B 63 -32.83 15.88 -6.62
C SER B 63 -32.47 15.01 -5.41
N SER B 64 -31.20 15.07 -5.00
CA SER B 64 -30.74 14.39 -3.80
C SER B 64 -31.47 14.95 -2.58
N ASP B 65 -31.71 16.27 -2.60
CA ASP B 65 -32.35 16.98 -1.51
C ASP B 65 -33.82 16.57 -1.42
N LYS B 66 -34.49 16.51 -2.58
CA LYS B 66 -35.88 16.12 -2.65
C LYS B 66 -36.07 14.69 -2.14
N ALA B 67 -35.17 13.78 -2.55
CA ALA B 67 -35.26 12.38 -2.19
C ALA B 67 -35.11 12.19 -0.69
N HIS B 68 -34.21 12.96 -0.07
CA HIS B 68 -33.96 12.87 1.36
C HIS B 68 -35.09 13.52 2.16
N LYS B 69 -35.74 14.53 1.56
CA LYS B 69 -36.81 15.25 2.21
C LYS B 69 -38.08 14.39 2.23
N VAL B 70 -38.22 13.48 1.26
CA VAL B 70 -39.37 12.58 1.22
C VAL B 70 -39.26 11.58 2.39
N LEU B 71 -38.06 11.05 2.60
CA LEU B 71 -37.81 10.06 3.65
C LEU B 71 -37.94 10.70 5.02
N LYS B 72 -37.52 11.98 5.13
CA LYS B 72 -37.53 12.70 6.39
C LYS B 72 -38.96 12.87 6.92
N GLN B 73 -39.90 13.19 6.04
CA GLN B 73 -41.30 13.42 6.40
C GLN B 73 -42.12 12.12 6.28
N ALA B 74 -41.50 11.06 5.72
CA ALA B 74 -42.16 9.79 5.54
C ALA B 74 -42.51 9.22 6.92
N PHE B 75 -43.71 8.66 7.03
CA PHE B 75 -44.12 7.82 8.14
C PHE B 75 -43.19 6.61 8.29
N GLY B 76 -42.74 6.37 9.53
CA GLY B 76 -41.53 5.61 9.78
C GLY B 76 -41.75 4.10 9.76
N GLU B 77 -42.90 3.65 10.29
CA GLU B 77 -43.09 2.27 10.70
C GLU B 77 -42.97 1.33 9.51
N LYS B 78 -43.55 1.73 8.36
CA LYS B 78 -43.18 1.15 7.09
C LYS B 78 -42.84 2.30 6.12
N ILE B 79 -41.63 2.22 5.53
CA ILE B 79 -41.33 2.83 4.25
C ILE B 79 -41.21 1.71 3.23
N THR B 80 -41.72 1.93 2.01
CA THR B 80 -41.62 0.96 0.94
C THR B 80 -40.78 1.56 -0.18
N MET B 81 -39.96 0.73 -0.83
CA MET B 81 -39.07 1.18 -1.89
C MET B 81 -38.98 0.11 -2.98
N THR B 82 -39.14 0.54 -4.24
CA THR B 82 -38.91 -0.32 -5.39
C THR B 82 -37.48 -0.10 -5.89
N ILE B 83 -36.69 -1.18 -5.95
CA ILE B 83 -35.27 -1.06 -6.25
C ILE B 83 -34.92 -1.96 -7.44
N ARG B 84 -33.97 -1.48 -8.26
CA ARG B 84 -33.33 -2.28 -9.28
C ARG B 84 -31.88 -2.52 -8.85
N ASP B 85 -31.48 -3.80 -8.80
CA ASP B 85 -30.23 -4.22 -8.19
C ASP B 85 -29.05 -3.83 -9.08
N ARG B 86 -28.15 -3.01 -8.52
CA ARG B 86 -26.90 -2.59 -9.16
C ARG B 86 -26.95 -2.84 -10.67
N PRO B 87 -27.60 -1.94 -11.46
CA PRO B 87 -27.70 -2.10 -12.91
C PRO B 87 -26.43 -1.81 -13.71
N PHE B 88 -25.44 -1.16 -13.08
CA PHE B 88 -24.18 -0.82 -13.71
C PHE B 88 -23.08 -1.80 -13.30
N GLU B 89 -23.47 -3.02 -12.91
CA GLU B 89 -22.53 -4.04 -12.47
C GLU B 89 -21.74 -4.59 -13.65
N ARG B 90 -20.41 -4.60 -13.52
CA ARG B 90 -19.52 -5.15 -14.53
C ARG B 90 -18.45 -5.99 -13.84
N THR B 91 -18.33 -7.27 -14.24
CA THR B 91 -17.35 -8.18 -13.69
C THR B 91 -16.20 -8.33 -14.68
N ILE B 92 -14.97 -8.40 -14.15
CA ILE B 92 -13.77 -8.57 -14.96
C ILE B 92 -12.79 -9.48 -14.22
N THR B 93 -12.32 -10.52 -14.93
CA THR B 93 -11.36 -11.46 -14.38
C THR B 93 -9.96 -11.11 -14.87
N MET B 94 -9.00 -11.07 -13.93
CA MET B 94 -7.62 -10.70 -14.22
C MET B 94 -6.69 -11.73 -13.57
N HIS B 95 -5.43 -11.74 -14.01
CA HIS B 95 -4.43 -12.68 -13.49
C HIS B 95 -3.20 -11.91 -13.02
N LYS B 96 -2.67 -12.31 -11.85
CA LYS B 96 -1.50 -11.67 -11.27
C LYS B 96 -0.26 -12.04 -12.09
N ASP B 97 0.70 -11.12 -12.15
CA ASP B 97 1.96 -11.35 -12.86
C ASP B 97 2.94 -12.02 -11.91
N SER B 98 4.23 -11.99 -12.27
CA SER B 98 5.30 -12.53 -11.44
C SER B 98 5.38 -11.78 -10.10
N THR B 99 5.22 -10.45 -10.15
CA THR B 99 5.32 -9.61 -8.96
C THR B 99 4.05 -9.69 -8.11
N GLY B 100 3.07 -10.49 -8.55
CA GLY B 100 1.84 -10.69 -7.81
C GLY B 100 0.90 -9.49 -7.89
N HIS B 101 0.78 -8.92 -9.10
CA HIS B 101 0.03 -7.69 -9.32
C HIS B 101 -0.76 -7.81 -10.62
N VAL B 102 -1.99 -7.27 -10.64
CA VAL B 102 -2.85 -7.30 -11.80
C VAL B 102 -2.72 -5.98 -12.57
N GLY B 103 -2.42 -4.90 -11.84
CA GLY B 103 -1.89 -3.69 -12.44
C GLY B 103 -2.92 -2.56 -12.52
N PHE B 104 -3.31 -2.03 -11.35
CA PHE B 104 -4.00 -0.77 -11.27
C PHE B 104 -3.74 -0.11 -9.92
N ILE B 105 -3.93 1.22 -9.89
CA ILE B 105 -3.81 2.02 -8.69
C ILE B 105 -5.22 2.46 -8.29
N PHE B 106 -5.45 2.57 -6.98
CA PHE B 106 -6.75 3.00 -6.47
C PHE B 106 -6.58 3.91 -5.26
N LYS B 107 -7.57 4.78 -5.05
CA LYS B 107 -7.65 5.63 -3.86
C LYS B 107 -9.12 5.74 -3.45
N ASN B 108 -9.37 5.53 -2.15
CA ASN B 108 -10.72 5.51 -1.59
C ASN B 108 -11.59 4.50 -2.33
N GLY B 109 -11.00 3.35 -2.66
CA GLY B 109 -11.73 2.25 -3.28
C GLY B 109 -12.18 2.57 -4.71
N LYS B 110 -11.47 3.45 -5.39
CA LYS B 110 -11.79 3.84 -6.75
C LYS B 110 -10.53 3.79 -7.60
N ILE B 111 -10.63 3.14 -8.77
CA ILE B 111 -9.50 2.93 -9.66
C ILE B 111 -9.10 4.27 -10.27
N THR B 112 -7.83 4.65 -10.12
CA THR B 112 -7.35 5.97 -10.51
C THR B 112 -6.38 5.88 -11.70
N SER B 113 -5.74 4.72 -11.90
CA SER B 113 -4.77 4.56 -12.98
C SER B 113 -4.55 3.09 -13.30
N ILE B 114 -4.24 2.79 -14.57
CA ILE B 114 -3.95 1.44 -15.02
C ILE B 114 -2.45 1.33 -15.33
N VAL B 115 -1.88 0.18 -14.99
CA VAL B 115 -0.46 -0.07 -15.16
C VAL B 115 -0.23 -0.64 -16.56
N LYS B 116 0.80 -0.11 -17.24
CA LYS B 116 1.07 -0.41 -18.63
C LYS B 116 1.40 -1.90 -18.78
N ASP B 117 0.82 -2.51 -19.82
CA ASP B 117 1.14 -3.88 -20.22
C ASP B 117 0.89 -4.83 -19.04
N SER B 118 -0.19 -4.57 -18.29
CA SER B 118 -0.58 -5.43 -17.17
C SER B 118 -1.77 -6.27 -17.60
N SER B 119 -2.30 -7.07 -16.67
CA SER B 119 -3.50 -7.86 -16.92
C SER B 119 -4.73 -6.95 -16.99
N ALA B 120 -4.71 -5.85 -16.24
CA ALA B 120 -5.79 -4.89 -16.22
C ALA B 120 -5.84 -4.13 -17.55
N ALA B 121 -4.66 -3.79 -18.09
CA ALA B 121 -4.55 -3.11 -19.38
C ALA B 121 -5.04 -4.04 -20.50
N ARG B 122 -4.68 -5.32 -20.39
CA ARG B 122 -5.01 -6.34 -21.38
C ARG B 122 -6.53 -6.52 -21.48
N ASN B 123 -7.23 -6.40 -20.34
CA ASN B 123 -8.66 -6.66 -20.28
C ASN B 123 -9.46 -5.37 -20.35
N GLY B 124 -8.76 -4.22 -20.43
CA GLY B 124 -9.42 -2.94 -20.71
C GLY B 124 -10.20 -2.41 -19.52
N LEU B 125 -9.58 -2.42 -18.33
CA LEU B 125 -10.16 -1.86 -17.12
C LEU B 125 -10.13 -0.33 -17.21
N LEU B 126 -11.12 0.32 -16.60
CA LEU B 126 -11.31 1.76 -16.70
C LEU B 126 -11.13 2.41 -15.34
N THR B 127 -10.67 3.66 -15.34
CA THR B 127 -10.57 4.46 -14.13
C THR B 127 -11.95 5.04 -13.81
N GLU B 128 -12.03 5.74 -12.67
CA GLU B 128 -13.27 6.36 -12.20
C GLU B 128 -14.34 5.27 -12.06
N HIS B 129 -13.93 4.12 -11.52
CA HIS B 129 -14.82 3.04 -11.20
C HIS B 129 -14.51 2.54 -9.79
N ASN B 130 -15.56 2.40 -8.96
CA ASN B 130 -15.41 1.91 -7.60
C ASN B 130 -15.34 0.38 -7.60
N ILE B 131 -14.49 -0.18 -6.73
CA ILE B 131 -14.42 -1.62 -6.54
C ILE B 131 -15.52 -2.01 -5.55
N CYS B 132 -16.36 -2.96 -5.95
CA CYS B 132 -17.50 -3.37 -5.16
C CYS B 132 -17.23 -4.70 -4.46
N GLU B 133 -16.78 -5.69 -5.24
CA GLU B 133 -16.45 -7.00 -4.71
C GLU B 133 -15.07 -7.43 -5.21
N ILE B 134 -14.46 -8.40 -4.50
CA ILE B 134 -13.27 -9.07 -4.97
C ILE B 134 -13.42 -10.56 -4.64
N ASN B 135 -13.69 -11.36 -5.68
CA ASN B 135 -13.91 -12.80 -5.55
C ASN B 135 -15.05 -13.08 -4.57
N GLY B 136 -16.11 -12.28 -4.64
CA GLY B 136 -17.29 -12.49 -3.83
C GLY B 136 -17.30 -11.65 -2.55
N GLN B 137 -16.11 -11.21 -2.10
CA GLN B 137 -15.97 -10.42 -0.88
C GLN B 137 -16.31 -8.96 -1.17
N ASN B 138 -17.31 -8.42 -0.47
CA ASN B 138 -17.69 -7.02 -0.62
C ASN B 138 -16.63 -6.14 0.05
N VAL B 139 -16.23 -5.07 -0.64
CA VAL B 139 -15.15 -4.20 -0.18
C VAL B 139 -15.65 -2.75 -0.08
N ILE B 140 -16.97 -2.54 -0.12
CA ILE B 140 -17.53 -1.22 0.05
C ILE B 140 -17.44 -0.83 1.51
N GLY B 141 -16.90 0.38 1.76
CA GLY B 141 -16.78 0.91 3.11
C GLY B 141 -15.55 0.39 3.85
N LEU B 142 -14.60 -0.21 3.12
CA LEU B 142 -13.33 -0.63 3.68
C LEU B 142 -12.27 0.43 3.39
N LYS B 143 -11.23 0.46 4.22
CA LYS B 143 -10.09 1.33 4.01
C LYS B 143 -9.21 0.71 2.92
N ASP B 144 -8.37 1.54 2.30
CA ASP B 144 -7.56 1.12 1.16
C ASP B 144 -6.64 -0.03 1.58
N SER B 145 -6.10 0.04 2.79
CA SER B 145 -5.18 -0.96 3.30
C SER B 145 -5.88 -2.30 3.48
N GLN B 146 -7.18 -2.28 3.84
CA GLN B 146 -7.95 -3.49 4.02
C GLN B 146 -8.27 -4.12 2.67
N ILE B 147 -8.40 -3.29 1.64
CA ILE B 147 -8.59 -3.77 0.27
C ILE B 147 -7.32 -4.46 -0.21
N ALA B 148 -6.17 -3.81 0.05
CA ALA B 148 -4.87 -4.32 -0.35
C ALA B 148 -4.61 -5.69 0.28
N ASP B 149 -5.05 -5.89 1.52
CA ASP B 149 -4.92 -7.16 2.21
C ASP B 149 -5.66 -8.25 1.43
N ILE B 150 -6.86 -7.94 0.97
CA ILE B 150 -7.70 -8.90 0.25
C ILE B 150 -7.06 -9.23 -1.09
N LEU B 151 -6.52 -8.20 -1.77
CA LEU B 151 -5.81 -8.38 -3.02
C LEU B 151 -4.57 -9.27 -2.80
N SER B 152 -3.82 -8.97 -1.74
CA SER B 152 -2.59 -9.68 -1.43
C SER B 152 -2.89 -11.15 -1.12
N THR B 153 -3.99 -11.38 -0.41
CA THR B 153 -4.35 -12.71 0.08
C THR B 153 -5.16 -13.47 -0.98
N SER B 154 -5.36 -12.85 -2.15
CA SER B 154 -6.00 -13.52 -3.28
C SER B 154 -5.00 -14.47 -3.94
N GLY B 155 -5.55 -15.43 -4.70
CA GLY B 155 -4.73 -16.28 -5.55
C GLY B 155 -4.29 -15.53 -6.80
N THR B 156 -3.92 -16.29 -7.85
CA THR B 156 -3.50 -15.69 -9.11
C THR B 156 -4.70 -15.06 -9.82
N VAL B 157 -5.85 -15.75 -9.77
CA VAL B 157 -7.05 -15.32 -10.47
C VAL B 157 -7.79 -14.30 -9.60
N VAL B 158 -7.98 -13.09 -10.13
CA VAL B 158 -8.61 -12.00 -9.39
C VAL B 158 -9.83 -11.51 -10.19
N THR B 159 -11.03 -11.86 -9.71
CA THR B 159 -12.27 -11.36 -10.28
C THR B 159 -12.79 -10.21 -9.42
N ILE B 160 -13.05 -9.05 -10.04
CA ILE B 160 -13.57 -7.90 -9.33
C ILE B 160 -14.84 -7.42 -10.02
N THR B 161 -15.75 -6.82 -9.24
CA THR B 161 -16.93 -6.15 -9.77
C THR B 161 -16.75 -4.64 -9.62
N ILE B 162 -17.14 -3.89 -10.65
CA ILE B 162 -16.91 -2.45 -10.66
C ILE B 162 -18.19 -1.72 -11.08
N MET B 163 -18.16 -0.40 -10.88
CA MET B 163 -19.28 0.48 -11.18
C MET B 163 -18.74 1.88 -11.44
N PRO B 164 -19.37 2.69 -12.32
CA PRO B 164 -18.98 4.09 -12.48
C PRO B 164 -19.11 4.85 -11.16
N ALA B 165 -18.19 5.80 -10.93
CA ALA B 165 -18.11 6.55 -9.68
C ALA B 165 -19.23 7.59 -9.64
N ASP C 4 30.37 -16.13 10.16
CA ASP C 4 29.55 -14.88 10.26
C ASP C 4 29.88 -13.97 9.08
N PRO C 5 31.16 -13.56 8.86
CA PRO C 5 31.52 -12.71 7.73
C PRO C 5 31.53 -13.48 6.41
N ARG C 6 31.89 -12.78 5.33
CA ARG C 6 32.01 -13.41 4.01
C ARG C 6 32.89 -12.54 3.12
N GLU C 7 33.45 -13.16 2.07
CA GLU C 7 34.32 -12.51 1.11
C GLU C 7 33.50 -12.11 -0.12
N VAL C 8 33.91 -11.01 -0.77
CA VAL C 8 33.31 -10.60 -2.03
C VAL C 8 34.42 -10.12 -2.97
N ILE C 9 34.29 -10.49 -4.26
CA ILE C 9 35.16 -10.00 -5.31
C ILE C 9 34.32 -9.16 -6.27
N LEU C 10 34.87 -8.02 -6.69
CA LEU C 10 34.19 -7.11 -7.60
C LEU C 10 35.21 -6.35 -8.44
N CYS C 11 34.76 -5.90 -9.62
CA CYS C 11 35.62 -5.22 -10.58
C CYS C 11 35.24 -3.73 -10.65
N LYS C 12 36.21 -2.92 -11.07
CA LYS C 12 36.03 -1.47 -11.15
C LYS C 12 35.45 -1.15 -12.53
N ASP C 13 34.49 -0.22 -12.57
CA ASP C 13 33.67 0.01 -13.75
C ASP C 13 34.42 0.92 -14.73
N GLN C 14 33.74 1.28 -15.82
CA GLN C 14 34.29 2.10 -16.89
C GLN C 14 34.84 3.42 -16.33
N ASP C 15 34.10 4.04 -15.40
CA ASP C 15 34.44 5.35 -14.88
C ASP C 15 35.46 5.22 -13.74
N GLY C 16 35.86 3.98 -13.43
CA GLY C 16 36.97 3.73 -12.52
C GLY C 16 36.56 3.90 -11.05
N LYS C 17 35.38 3.36 -10.71
CA LYS C 17 34.84 3.42 -9.36
C LYS C 17 34.04 2.13 -9.10
N ILE C 18 33.52 2.01 -7.87
CA ILE C 18 32.74 0.85 -7.46
C ILE C 18 31.31 1.25 -7.12
N GLY C 19 31.06 2.57 -6.99
CA GLY C 19 29.75 3.09 -6.63
C GLY C 19 29.43 2.82 -5.16
N LEU C 20 30.32 3.31 -4.28
CA LEU C 20 30.25 2.99 -2.87
C LEU C 20 30.79 4.18 -2.08
N ARG C 21 30.13 4.50 -0.96
CA ARG C 21 30.64 5.42 0.04
C ARG C 21 30.85 4.65 1.35
N LEU C 22 32.00 4.91 1.99
CA LEU C 22 32.34 4.27 3.25
C LEU C 22 32.43 5.35 4.34
N LYS C 23 31.98 5.00 5.55
CA LYS C 23 32.03 5.91 6.69
C LYS C 23 32.70 5.21 7.87
N SER C 24 33.66 5.92 8.49
CA SER C 24 34.29 5.46 9.71
C SER C 24 33.38 5.74 10.89
N ILE C 25 32.96 4.67 11.59
CA ILE C 25 32.08 4.76 12.74
C ILE C 25 32.64 3.87 13.86
N ASP C 26 33.11 4.50 14.94
CA ASP C 26 33.62 3.78 16.10
C ASP C 26 34.78 2.86 15.69
N ASN C 27 35.75 3.44 14.97
CA ASN C 27 36.95 2.73 14.55
C ASN C 27 36.57 1.49 13.73
N GLY C 28 35.57 1.65 12.85
CA GLY C 28 35.16 0.62 11.93
C GLY C 28 34.57 1.22 10.66
N ILE C 29 34.72 0.54 9.53
CA ILE C 29 34.29 1.06 8.25
C ILE C 29 32.94 0.45 7.88
N PHE C 30 32.04 1.30 7.37
CA PHE C 30 30.67 0.92 7.09
C PHE C 30 30.21 1.51 5.76
N VAL C 31 29.33 0.78 5.07
CA VAL C 31 28.79 1.19 3.78
C VAL C 31 27.71 2.24 4.01
N GLN C 32 27.95 3.46 3.49
CA GLN C 32 27.06 4.59 3.68
C GLN C 32 26.04 4.66 2.54
N LEU C 33 26.45 4.35 1.31
CA LEU C 33 25.52 4.30 0.19
C LEU C 33 26.09 3.42 -0.93
N VAL C 34 25.19 2.68 -1.58
CA VAL C 34 25.52 1.80 -2.69
C VAL C 34 24.75 2.26 -3.93
N GLN C 35 25.46 2.86 -4.90
CA GLN C 35 24.86 3.39 -6.10
C GLN C 35 24.31 2.24 -6.95
N ALA C 36 23.20 2.50 -7.63
CA ALA C 36 22.41 1.45 -8.28
C ALA C 36 23.13 0.94 -9.52
N ASN C 37 22.98 -0.38 -9.77
CA ASN C 37 23.51 -1.04 -10.95
C ASN C 37 25.04 -0.93 -11.00
N SER C 38 25.66 -0.82 -9.81
CA SER C 38 27.11 -0.68 -9.70
C SER C 38 27.72 -2.03 -9.37
N PRO C 39 29.06 -2.21 -9.52
CA PRO C 39 29.73 -3.44 -9.09
C PRO C 39 29.46 -3.81 -7.63
N ALA C 40 29.29 -2.80 -6.78
CA ALA C 40 28.90 -2.99 -5.39
C ALA C 40 27.52 -3.63 -5.31
N SER C 41 26.59 -3.10 -6.12
CA SER C 41 25.21 -3.56 -6.14
C SER C 41 25.14 -5.05 -6.51
N LEU C 42 25.87 -5.42 -7.57
CA LEU C 42 26.06 -6.82 -7.91
C LEU C 42 26.99 -7.34 -6.82
N VAL C 43 26.69 -8.53 -6.32
CA VAL C 43 27.41 -9.13 -5.19
C VAL C 43 26.78 -8.67 -3.87
N GLY C 44 25.83 -7.72 -3.91
CA GLY C 44 24.83 -7.62 -2.85
C GLY C 44 25.28 -6.79 -1.65
N LEU C 45 26.16 -5.81 -1.89
CA LEU C 45 26.50 -4.84 -0.85
C LEU C 45 25.30 -3.91 -0.64
N ARG C 46 25.07 -3.54 0.63
CA ARG C 46 23.96 -2.69 0.99
C ARG C 46 24.41 -1.75 2.12
N PHE C 47 23.75 -0.59 2.20
CA PHE C 47 23.94 0.36 3.28
C PHE C 47 23.82 -0.36 4.62
N GLY C 48 24.87 -0.26 5.45
CA GLY C 48 24.85 -0.83 6.78
C GLY C 48 25.94 -1.90 6.99
N ASP C 49 26.41 -2.49 5.88
CA ASP C 49 27.40 -3.56 5.93
C ASP C 49 28.69 -3.03 6.56
N GLN C 50 29.37 -3.89 7.33
CA GLN C 50 30.64 -3.57 7.96
C GLN C 50 31.79 -4.13 7.15
N VAL C 51 32.80 -3.31 6.88
CA VAL C 51 33.98 -3.72 6.13
C VAL C 51 35.09 -4.09 7.13
N LEU C 52 35.47 -5.38 7.12
CA LEU C 52 36.48 -5.90 8.03
C LEU C 52 37.87 -5.77 7.41
N GLN C 53 38.01 -6.24 6.16
CA GLN C 53 39.25 -6.15 5.40
C GLN C 53 38.99 -5.60 4.00
N ILE C 54 39.98 -4.89 3.45
CA ILE C 54 40.02 -4.53 2.04
C ILE C 54 41.35 -5.03 1.45
N ASN C 55 41.27 -6.02 0.56
CA ASN C 55 42.43 -6.65 -0.05
C ASN C 55 43.36 -7.23 1.02
N GLY C 56 42.76 -7.84 2.05
CA GLY C 56 43.52 -8.57 3.07
C GLY C 56 43.78 -7.73 4.32
N GLU C 57 43.90 -6.41 4.17
CA GLU C 57 44.31 -5.54 5.26
C GLU C 57 43.08 -5.16 6.09
N ASN C 58 43.24 -5.17 7.41
CA ASN C 58 42.16 -4.82 8.33
C ASN C 58 41.86 -3.33 8.24
N CYS C 59 40.57 -2.99 8.32
CA CYS C 59 40.11 -1.61 8.20
C CYS C 59 40.02 -0.93 9.57
N ALA C 60 40.12 -1.72 10.64
CA ALA C 60 40.03 -1.18 12.00
C ALA C 60 40.93 0.03 12.14
N GLY C 61 40.34 1.19 12.46
CA GLY C 61 41.09 2.40 12.76
C GLY C 61 41.14 3.38 11.59
N TRP C 62 40.88 2.90 10.37
CA TRP C 62 40.95 3.73 9.18
C TRP C 62 39.91 4.84 9.24
N SER C 63 40.29 6.02 8.75
CA SER C 63 39.35 7.10 8.52
C SER C 63 38.56 6.82 7.24
N SER C 64 37.52 7.63 7.01
CA SER C 64 36.74 7.57 5.79
C SER C 64 37.63 7.88 4.58
N ASP C 65 38.56 8.84 4.79
CA ASP C 65 39.45 9.31 3.75
C ASP C 65 40.45 8.21 3.40
N LYS C 66 41.01 7.56 4.43
CA LYS C 66 41.97 6.49 4.27
C LYS C 66 41.34 5.33 3.51
N ALA C 67 40.10 4.97 3.89
CA ALA C 67 39.41 3.83 3.31
C ALA C 67 39.13 4.06 1.82
N HIS C 68 38.77 5.31 1.46
CA HIS C 68 38.46 5.64 0.08
C HIS C 68 39.74 5.73 -0.76
N LYS C 69 40.84 6.11 -0.10
CA LYS C 69 42.12 6.30 -0.79
C LYS C 69 42.72 4.94 -1.13
N VAL C 70 42.40 3.90 -0.32
CA VAL C 70 42.88 2.55 -0.56
C VAL C 70 42.24 2.02 -1.84
N LEU C 71 40.92 2.21 -1.97
CA LEU C 71 40.15 1.71 -3.10
C LEU C 71 40.55 2.44 -4.38
N LYS C 72 40.83 3.75 -4.24
CA LYS C 72 41.13 4.61 -5.38
C LYS C 72 42.39 4.14 -6.09
N GLN C 73 43.43 3.81 -5.31
CA GLN C 73 44.71 3.42 -5.87
C GLN C 73 44.88 1.90 -5.81
N ALA C 74 43.78 1.18 -5.51
CA ALA C 74 43.85 -0.27 -5.38
C ALA C 74 44.27 -0.90 -6.71
N PHE C 75 45.21 -1.84 -6.61
CA PHE C 75 45.87 -2.39 -7.78
C PHE C 75 44.90 -3.29 -8.53
N GLY C 76 44.85 -3.12 -9.86
CA GLY C 76 44.36 -4.15 -10.75
C GLY C 76 42.84 -4.19 -10.85
N GLU C 77 42.35 -5.15 -11.65
CA GLU C 77 40.94 -5.27 -11.99
C GLU C 77 40.11 -5.52 -10.73
N LYS C 78 40.63 -6.31 -9.79
CA LYS C 78 39.79 -7.01 -8.82
C LYS C 78 40.13 -6.57 -7.40
N ILE C 79 39.08 -6.16 -6.66
CA ILE C 79 39.20 -5.83 -5.25
C ILE C 79 38.49 -6.92 -4.45
N THR C 80 39.09 -7.30 -3.32
CA THR C 80 38.51 -8.30 -2.43
C THR C 80 38.18 -7.63 -1.10
N MET C 81 37.05 -8.01 -0.51
CA MET C 81 36.54 -7.36 0.69
C MET C 81 35.87 -8.39 1.59
N THR C 82 36.24 -8.37 2.88
CA THR C 82 35.58 -9.17 3.89
C THR C 82 34.51 -8.32 4.56
N ILE C 83 33.25 -8.81 4.54
CA ILE C 83 32.12 -8.01 5.00
C ILE C 83 31.34 -8.79 6.05
N ARG C 84 30.80 -8.05 7.03
CA ARG C 84 29.79 -8.55 7.95
C ARG C 84 28.46 -7.89 7.60
N ASP C 85 27.43 -8.71 7.39
CA ASP C 85 26.15 -8.25 6.86
C ASP C 85 25.38 -7.49 7.94
N ARG C 86 25.07 -6.22 7.64
CA ARG C 86 24.24 -5.36 8.48
C ARG C 86 24.16 -5.90 9.91
N PRO C 87 25.18 -5.65 10.77
CA PRO C 87 25.15 -6.10 12.16
C PRO C 87 24.23 -5.32 13.10
N PHE C 88 23.75 -4.15 12.66
CA PHE C 88 22.86 -3.32 13.46
C PHE C 88 21.40 -3.47 13.00
N GLU C 89 21.09 -4.60 12.36
CA GLU C 89 19.76 -4.83 11.78
C GLU C 89 18.75 -5.11 12.88
N ARG C 90 17.62 -4.39 12.87
CA ARG C 90 16.49 -4.67 13.74
C ARG C 90 15.21 -4.60 12.93
N THR C 91 14.39 -5.66 13.01
CA THR C 91 13.09 -5.70 12.35
C THR C 91 11.99 -5.46 13.39
N ILE C 92 10.95 -4.73 13.00
CA ILE C 92 9.77 -4.52 13.83
C ILE C 92 8.51 -4.58 12.95
N THR C 93 7.54 -5.39 13.36
CA THR C 93 6.27 -5.51 12.67
C THR C 93 5.21 -4.67 13.40
N MET C 94 4.46 -3.88 12.63
CA MET C 94 3.46 -2.97 13.16
C MET C 94 2.16 -3.11 12.36
N HIS C 95 1.06 -2.64 12.92
CA HIS C 95 -0.24 -2.71 12.26
C HIS C 95 -0.87 -1.31 12.17
N LYS C 96 -1.45 -1.00 11.00
CA LYS C 96 -2.10 0.27 10.76
C LYS C 96 -3.41 0.33 11.55
N ASP C 97 -3.77 1.55 11.98
CA ASP C 97 -5.01 1.78 12.71
C ASP C 97 -6.13 2.02 11.70
N SER C 98 -7.25 2.58 12.17
CA SER C 98 -8.39 2.93 11.32
C SER C 98 -7.97 4.00 10.30
N THR C 99 -7.17 4.97 10.74
CA THR C 99 -6.75 6.08 9.89
C THR C 99 -5.64 5.64 8.92
N GLY C 100 -5.22 4.38 9.00
CA GLY C 100 -4.22 3.82 8.10
C GLY C 100 -2.81 4.29 8.46
N HIS C 101 -2.50 4.31 9.76
CA HIS C 101 -1.25 4.86 10.28
C HIS C 101 -0.72 3.96 11.39
N VAL C 102 0.61 3.77 11.42
CA VAL C 102 1.26 2.95 12.43
C VAL C 102 1.77 3.85 13.55
N GLY C 103 2.14 5.10 13.22
CA GLY C 103 2.30 6.15 14.20
C GLY C 103 3.76 6.50 14.46
N PHE C 104 4.42 7.08 13.46
CA PHE C 104 5.70 7.75 13.66
C PHE C 104 5.91 8.83 12.60
N ILE C 105 6.78 9.78 12.93
CA ILE C 105 7.18 10.86 12.04
C ILE C 105 8.63 10.61 11.61
N PHE C 106 8.97 10.97 10.37
CA PHE C 106 10.32 10.81 9.87
C PHE C 106 10.72 12.00 8.99
N LYS C 107 12.03 12.26 8.93
CA LYS C 107 12.60 13.26 8.04
C LYS C 107 13.93 12.74 7.51
N ASN C 108 14.12 12.84 6.19
CA ASN C 108 15.30 12.32 5.50
C ASN C 108 15.48 10.84 5.80
N GLY C 109 14.36 10.10 5.83
CA GLY C 109 14.36 8.66 6.02
C GLY C 109 14.83 8.24 7.41
N LYS C 110 14.65 9.12 8.41
CA LYS C 110 15.05 8.84 9.78
C LYS C 110 13.90 9.18 10.73
N ILE C 111 13.59 8.24 11.63
CA ILE C 111 12.46 8.38 12.55
C ILE C 111 12.79 9.47 13.58
N THR C 112 11.89 10.46 13.68
CA THR C 112 12.15 11.64 14.50
C THR C 112 11.23 11.70 15.71
N SER C 113 10.06 11.04 15.64
CA SER C 113 9.10 11.06 16.74
C SER C 113 8.11 9.91 16.62
N ILE C 114 7.61 9.45 17.78
CA ILE C 114 6.64 8.37 17.85
C ILE C 114 5.30 8.96 18.30
N VAL C 115 4.21 8.44 17.73
CA VAL C 115 2.87 8.91 18.02
C VAL C 115 2.32 8.13 19.22
N LYS C 116 1.71 8.88 20.15
CA LYS C 116 1.26 8.35 21.43
C LYS C 116 0.21 7.26 21.21
N ASP C 117 0.37 6.14 21.94
CA ASP C 117 -0.58 5.05 21.97
C ASP C 117 -0.89 4.56 20.55
N SER C 118 0.16 4.47 19.74
CA SER C 118 0.08 3.94 18.39
C SER C 118 0.62 2.52 18.37
N SER C 119 0.68 1.90 17.19
CA SER C 119 1.27 0.58 17.03
C SER C 119 2.78 0.64 17.19
N ALA C 120 3.38 1.77 16.80
CA ALA C 120 4.82 1.99 16.91
C ALA C 120 5.20 2.14 18.38
N ALA C 121 4.37 2.86 19.16
CA ALA C 121 4.59 3.04 20.58
C ALA C 121 4.46 1.70 21.32
N ARG C 122 3.48 0.91 20.90
CA ARG C 122 3.18 -0.39 21.49
C ARG C 122 4.36 -1.34 21.34
N ASN C 123 5.07 -1.26 20.20
CA ASN C 123 6.13 -2.19 19.86
C ASN C 123 7.50 -1.58 20.16
N GLY C 124 7.52 -0.35 20.69
CA GLY C 124 8.73 0.23 21.24
C GLY C 124 9.73 0.66 20.16
N LEU C 125 9.25 1.37 19.15
CA LEU C 125 10.09 1.91 18.11
C LEU C 125 10.87 3.10 18.66
N LEU C 126 12.09 3.30 18.14
CA LEU C 126 13.01 4.31 18.64
C LEU C 126 13.26 5.36 17.56
N THR C 127 13.52 6.60 18.00
CA THR C 127 13.94 7.67 17.10
C THR C 127 15.43 7.53 16.80
N GLU C 128 15.93 8.41 15.92
CA GLU C 128 17.32 8.41 15.52
C GLU C 128 17.68 7.04 14.94
N HIS C 129 16.76 6.50 14.13
CA HIS C 129 16.97 5.27 13.40
C HIS C 129 16.52 5.46 11.95
N ASN C 130 17.37 5.06 11.00
CA ASN C 130 17.08 5.18 9.58
C ASN C 130 16.22 3.98 9.15
N ILE C 131 15.24 4.24 8.27
CA ILE C 131 14.45 3.19 7.67
C ILE C 131 15.23 2.62 6.49
N CYS C 132 15.42 1.29 6.50
CA CYS C 132 16.23 0.62 5.49
C CYS C 132 15.33 -0.09 4.49
N GLU C 133 14.40 -0.89 5.00
CA GLU C 133 13.45 -1.62 4.16
C GLU C 133 12.04 -1.41 4.68
N ILE C 134 11.05 -1.67 3.81
CA ILE C 134 9.65 -1.74 4.19
C ILE C 134 9.03 -2.92 3.44
N ASN C 135 8.79 -4.01 4.17
CA ASN C 135 8.24 -5.24 3.63
C ASN C 135 9.12 -5.77 2.49
N GLY C 136 10.44 -5.68 2.66
CA GLY C 136 11.39 -6.21 1.70
C GLY C 136 11.89 -5.16 0.70
N GLN C 137 11.13 -4.07 0.55
CA GLN C 137 11.49 -3.01 -0.39
C GLN C 137 12.51 -2.08 0.27
N ASN C 138 13.69 -1.95 -0.36
CA ASN C 138 14.73 -1.06 0.13
C ASN C 138 14.33 0.39 -0.14
N VAL C 139 14.51 1.26 0.86
CA VAL C 139 14.07 2.64 0.78
C VAL C 139 15.26 3.58 1.03
N ILE C 140 16.48 3.06 0.96
CA ILE C 140 17.67 3.89 1.12
C ILE C 140 17.87 4.70 -0.15
N GLY C 141 18.07 6.02 0.02
CA GLY C 141 18.31 6.92 -1.09
C GLY C 141 17.02 7.35 -1.80
N LEU C 142 15.88 7.13 -1.15
CA LEU C 142 14.60 7.62 -1.66
C LEU C 142 14.25 8.91 -0.92
N LYS C 143 13.43 9.75 -1.57
CA LYS C 143 12.90 10.95 -0.96
C LYS C 143 11.77 10.56 -0.02
N ASP C 144 11.46 11.46 0.93
CA ASP C 144 10.48 11.20 1.97
C ASP C 144 9.13 10.87 1.34
N SER C 145 8.77 11.58 0.27
CA SER C 145 7.50 11.40 -0.41
C SER C 145 7.41 10.01 -1.04
N GLN C 146 8.55 9.49 -1.53
CA GLN C 146 8.59 8.17 -2.14
C GLN C 146 8.45 7.08 -1.08
N ILE C 147 8.93 7.37 0.13
CA ILE C 147 8.78 6.47 1.26
C ILE C 147 7.29 6.42 1.65
N ALA C 148 6.67 7.60 1.72
CA ALA C 148 5.27 7.74 2.11
C ALA C 148 4.38 6.97 1.14
N ASP C 149 4.73 6.97 -0.15
CA ASP C 149 4.00 6.22 -1.16
C ASP C 149 4.00 4.73 -0.82
N ILE C 150 5.17 4.22 -0.42
CA ILE C 150 5.32 2.80 -0.12
C ILE C 150 4.53 2.46 1.15
N LEU C 151 4.57 3.35 2.15
CA LEU C 151 3.79 3.18 3.36
C LEU C 151 2.30 3.19 3.03
N SER C 152 1.87 4.14 2.19
CA SER C 152 0.47 4.29 1.83
C SER C 152 -0.02 3.06 1.08
N THR C 153 0.84 2.51 0.21
CA THR C 153 0.47 1.41 -0.66
C THR C 153 0.71 0.06 0.03
N SER C 154 1.13 0.10 1.30
CA SER C 154 1.25 -1.10 2.10
C SER C 154 -0.13 -1.54 2.58
N GLY C 155 -0.23 -2.82 2.96
CA GLY C 155 -1.41 -3.34 3.63
C GLY C 155 -1.46 -2.88 5.09
N THR C 156 -2.22 -3.61 5.91
CA THR C 156 -2.34 -3.31 7.33
C THR C 156 -1.03 -3.63 8.04
N VAL C 157 -0.40 -4.76 7.68
CA VAL C 157 0.81 -5.22 8.32
C VAL C 157 2.01 -4.51 7.71
N VAL C 158 2.77 -3.79 8.55
CA VAL C 158 3.92 -3.02 8.11
C VAL C 158 5.17 -3.48 8.85
N THR C 159 6.03 -4.23 8.17
CA THR C 159 7.32 -4.64 8.71
C THR C 159 8.40 -3.72 8.16
N ILE C 160 9.19 -3.11 9.07
CA ILE C 160 10.28 -2.24 8.66
C ILE C 160 11.58 -2.72 9.32
N THR C 161 12.70 -2.46 8.62
CA THR C 161 14.03 -2.73 9.15
C THR C 161 14.69 -1.38 9.45
N ILE C 162 15.36 -1.29 10.60
CA ILE C 162 15.93 -0.03 11.06
C ILE C 162 17.37 -0.23 11.51
N MET C 163 18.06 0.90 11.69
CA MET C 163 19.45 0.93 12.10
C MET C 163 19.71 2.27 12.81
N PRO C 164 20.61 2.33 13.80
CA PRO C 164 21.02 3.59 14.40
C PRO C 164 21.59 4.55 13.36
N ALA C 165 21.30 5.85 13.52
CA ALA C 165 21.64 6.85 12.53
C ALA C 165 23.15 7.17 12.59
N ASP D 4 -15.08 -12.93 -24.91
CA ASP D 4 -15.83 -11.65 -24.79
C ASP D 4 -15.43 -10.71 -25.94
N PRO D 5 -14.14 -10.36 -26.10
CA PRO D 5 -13.72 -9.48 -27.19
C PRO D 5 -13.69 -10.19 -28.54
N ARG D 6 -13.28 -9.46 -29.59
CA ARG D 6 -13.13 -10.04 -30.91
C ARG D 6 -12.19 -9.17 -31.75
N GLU D 7 -11.62 -9.79 -32.80
CA GLU D 7 -10.67 -9.13 -33.68
C GLU D 7 -11.39 -8.66 -34.94
N VAL D 8 -10.92 -7.56 -35.54
CA VAL D 8 -11.43 -7.09 -36.82
C VAL D 8 -10.25 -6.62 -37.68
N ILE D 9 -10.31 -6.95 -38.99
CA ILE D 9 -9.35 -6.45 -39.96
C ILE D 9 -10.11 -5.56 -40.94
N LEU D 10 -9.54 -4.38 -41.24
CA LEU D 10 -10.21 -3.41 -42.10
C LEU D 10 -9.16 -2.57 -42.84
N CYS D 11 -9.56 -2.05 -44.00
CA CYS D 11 -8.65 -1.38 -44.92
C CYS D 11 -8.96 0.12 -44.99
N LYS D 12 -8.03 0.89 -45.58
CA LYS D 12 -8.24 2.30 -45.86
C LYS D 12 -9.00 2.44 -47.19
N ASP D 13 -9.97 3.36 -47.23
CA ASP D 13 -11.02 3.29 -48.25
C ASP D 13 -10.55 3.98 -49.53
N GLN D 14 -11.43 4.07 -50.53
CA GLN D 14 -11.19 4.83 -51.75
C GLN D 14 -10.76 6.25 -51.44
N ASP D 15 -11.43 6.89 -50.47
CA ASP D 15 -11.17 8.28 -50.12
C ASP D 15 -9.98 8.39 -49.16
N GLY D 16 -9.34 7.26 -48.85
CA GLY D 16 -8.47 7.15 -47.69
C GLY D 16 -9.28 6.87 -46.43
N LYS D 17 -8.56 6.75 -45.30
CA LYS D 17 -9.06 6.77 -43.94
C LYS D 17 -10.15 5.72 -43.75
N ILE D 18 -10.65 5.62 -42.51
CA ILE D 18 -11.46 4.49 -42.08
C ILE D 18 -12.86 4.96 -41.68
N GLY D 19 -13.04 6.28 -41.50
CA GLY D 19 -14.33 6.84 -41.14
C GLY D 19 -14.71 6.54 -39.69
N LEU D 20 -13.82 6.95 -38.77
CA LEU D 20 -13.96 6.60 -37.36
C LEU D 20 -13.40 7.73 -36.50
N ARG D 21 -14.09 8.03 -35.40
CA ARG D 21 -13.58 8.91 -34.35
C ARG D 21 -13.45 8.10 -33.06
N LEU D 22 -12.32 8.27 -32.38
CA LEU D 22 -12.07 7.60 -31.11
C LEU D 22 -11.97 8.63 -29.99
N LYS D 23 -12.49 8.28 -28.81
CA LYS D 23 -12.45 9.15 -27.65
C LYS D 23 -11.86 8.40 -26.46
N SER D 24 -10.91 9.04 -25.77
CA SER D 24 -10.35 8.53 -24.53
C SER D 24 -11.31 8.83 -23.38
N ILE D 25 -11.82 7.76 -22.74
CA ILE D 25 -12.74 7.87 -21.63
C ILE D 25 -12.27 6.93 -20.52
N ASP D 26 -11.82 7.52 -19.40
CA ASP D 26 -11.38 6.78 -18.23
C ASP D 26 -10.25 5.82 -18.62
N ASN D 27 -9.23 6.36 -19.31
CA ASN D 27 -8.05 5.61 -19.68
C ASN D 27 -8.45 4.40 -20.52
N GLY D 28 -9.39 4.60 -21.44
CA GLY D 28 -9.81 3.60 -22.41
C GLY D 28 -10.30 4.28 -23.68
N ILE D 29 -10.13 3.61 -24.83
CA ILE D 29 -10.47 4.18 -26.12
C ILE D 29 -11.83 3.65 -26.57
N PHE D 30 -12.68 4.55 -27.08
CA PHE D 30 -14.05 4.23 -27.44
C PHE D 30 -14.41 4.87 -28.78
N VAL D 31 -15.30 4.19 -29.52
CA VAL D 31 -15.76 4.66 -30.81
C VAL D 31 -16.81 5.76 -30.60
N GLN D 32 -16.50 6.97 -31.08
CA GLN D 32 -17.34 8.14 -30.88
C GLN D 32 -18.30 8.30 -32.06
N LEU D 33 -17.85 8.00 -33.28
CA LEU D 33 -18.75 8.01 -34.44
C LEU D 33 -18.17 7.15 -35.56
N VAL D 34 -19.08 6.46 -36.27
CA VAL D 34 -18.75 5.60 -37.39
C VAL D 34 -19.45 6.12 -38.63
N GLN D 35 -18.68 6.71 -39.56
CA GLN D 35 -19.23 7.30 -40.76
C GLN D 35 -19.78 6.20 -41.66
N ALA D 36 -20.87 6.52 -42.38
CA ALA D 36 -21.66 5.53 -43.09
C ALA D 36 -20.91 5.02 -44.33
N ASN D 37 -21.11 3.73 -44.63
CA ASN D 37 -20.56 3.08 -45.81
C ASN D 37 -19.04 3.11 -45.78
N SER D 38 -18.46 3.16 -44.57
CA SER D 38 -17.01 3.24 -44.41
C SER D 38 -16.48 1.84 -44.09
N PRO D 39 -15.14 1.62 -44.20
CA PRO D 39 -14.54 0.35 -43.78
C PRO D 39 -14.86 -0.04 -42.34
N ALA D 40 -15.01 0.98 -41.47
CA ALA D 40 -15.45 0.77 -40.10
C ALA D 40 -16.86 0.19 -40.08
N SER D 41 -17.74 0.77 -40.90
CA SER D 41 -19.14 0.36 -40.97
C SER D 41 -19.27 -1.11 -41.35
N LEU D 42 -18.50 -1.54 -42.36
CA LEU D 42 -18.68 -2.85 -42.98
C LEU D 42 -18.41 -3.99 -42.00
N VAL D 43 -17.38 -3.85 -41.15
CA VAL D 43 -17.00 -4.91 -40.23
C VAL D 43 -17.74 -4.77 -38.89
N GLY D 44 -18.71 -3.85 -38.86
CA GLY D 44 -19.73 -3.82 -37.83
C GLY D 44 -19.32 -3.01 -36.60
N LEU D 45 -18.41 -2.04 -36.78
CA LEU D 45 -18.10 -1.11 -35.70
C LEU D 45 -19.27 -0.16 -35.52
N ARG D 46 -19.54 0.18 -34.25
CA ARG D 46 -20.64 1.05 -33.88
C ARG D 46 -20.20 1.94 -32.73
N PHE D 47 -20.81 3.12 -32.65
CA PHE D 47 -20.61 4.05 -31.55
C PHE D 47 -20.83 3.31 -30.24
N GLY D 48 -19.81 3.36 -29.36
CA GLY D 48 -19.89 2.75 -28.04
C GLY D 48 -18.87 1.64 -27.83
N ASP D 49 -18.38 1.04 -28.93
CA ASP D 49 -17.43 -0.06 -28.86
C ASP D 49 -16.16 0.39 -28.15
N GLN D 50 -15.55 -0.53 -27.38
CA GLN D 50 -14.30 -0.27 -26.69
C GLN D 50 -13.14 -0.87 -27.49
N VAL D 51 -12.08 -0.07 -27.68
CA VAL D 51 -10.88 -0.52 -28.38
C VAL D 51 -9.86 -0.97 -27.35
N LEU D 52 -9.52 -2.27 -27.37
CA LEU D 52 -8.59 -2.87 -26.43
C LEU D 52 -7.17 -2.78 -26.98
N GLN D 53 -6.99 -3.22 -28.24
CA GLN D 53 -5.70 -3.16 -28.93
C GLN D 53 -5.87 -2.56 -30.31
N ILE D 54 -4.81 -1.88 -30.80
CA ILE D 54 -4.69 -1.48 -32.19
C ILE D 54 -3.35 -2.02 -32.72
N ASN D 55 -3.44 -2.97 -33.66
CA ASN D 55 -2.28 -3.65 -34.22
C ASN D 55 -1.46 -4.32 -33.13
N GLY D 56 -2.15 -4.93 -32.14
CA GLY D 56 -1.50 -5.72 -31.11
C GLY D 56 -1.21 -4.94 -29.82
N GLU D 57 -1.01 -3.62 -29.93
CA GLU D 57 -0.64 -2.79 -28.80
C GLU D 57 -1.88 -2.39 -28.01
N ASN D 58 -1.80 -2.44 -26.67
CA ASN D 58 -2.91 -2.07 -25.80
C ASN D 58 -3.13 -0.56 -25.87
N CYS D 59 -4.40 -0.15 -25.84
CA CYS D 59 -4.79 1.24 -25.95
C CYS D 59 -4.92 1.89 -24.57
N ALA D 60 -4.91 1.08 -23.51
CA ALA D 60 -5.04 1.57 -22.15
C ALA D 60 -4.08 2.74 -21.94
N GLY D 61 -4.64 3.92 -21.61
CA GLY D 61 -3.85 5.08 -21.24
C GLY D 61 -3.70 6.09 -22.38
N TRP D 62 -3.91 5.65 -23.63
CA TRP D 62 -3.75 6.50 -24.79
C TRP D 62 -4.75 7.66 -24.75
N SER D 63 -4.29 8.84 -25.19
CA SER D 63 -5.17 9.97 -25.42
C SER D 63 -5.91 9.75 -26.74
N SER D 64 -6.90 10.62 -27.01
CA SER D 64 -7.62 10.62 -28.28
C SER D 64 -6.64 10.92 -29.41
N ASP D 65 -5.69 11.82 -29.14
CA ASP D 65 -4.72 12.27 -30.13
C ASP D 65 -3.75 11.15 -30.45
N LYS D 66 -3.28 10.45 -29.40
CA LYS D 66 -2.36 9.33 -29.54
C LYS D 66 -3.01 8.23 -30.37
N ALA D 67 -4.28 7.92 -30.06
CA ALA D 67 -5.00 6.84 -30.72
C ALA D 67 -5.18 7.12 -32.21
N HIS D 68 -5.47 8.38 -32.55
N HIS D 68 -5.46 8.39 -32.56
CA HIS D 68 -5.68 8.78 -33.93
CA HIS D 68 -5.68 8.75 -33.95
C HIS D 68 -4.37 8.84 -34.70
C HIS D 68 -4.36 8.80 -34.70
N LYS D 69 -3.28 9.15 -33.98
CA LYS D 69 -1.96 9.28 -34.59
C LYS D 69 -1.41 7.90 -34.93
N VAL D 70 -1.82 6.87 -34.18
CA VAL D 70 -1.38 5.50 -34.44
C VAL D 70 -1.99 5.03 -35.77
N LEU D 71 -3.29 5.30 -35.96
CA LEU D 71 -4.02 4.86 -37.14
C LEU D 71 -3.51 5.62 -38.37
N LYS D 72 -3.17 6.91 -38.18
CA LYS D 72 -2.79 7.79 -39.27
C LYS D 72 -1.51 7.30 -39.93
N GLN D 73 -0.53 6.89 -39.10
CA GLN D 73 0.76 6.46 -39.61
C GLN D 73 0.86 4.94 -39.58
N ALA D 74 -0.27 4.25 -39.38
CA ALA D 74 -0.29 2.80 -39.31
C ALA D 74 0.16 2.22 -40.65
N PHE D 75 1.05 1.22 -40.57
CA PHE D 75 1.70 0.68 -41.75
C PHE D 75 0.69 -0.12 -42.57
N GLY D 76 0.69 0.12 -43.88
CA GLY D 76 0.14 -0.82 -44.84
C GLY D 76 -1.39 -0.73 -44.97
N GLU D 77 -1.92 -1.60 -45.84
CA GLU D 77 -3.33 -1.60 -46.21
C GLU D 77 -4.20 -1.86 -44.99
N LYS D 78 -3.76 -2.75 -44.09
CA LYS D 78 -4.67 -3.43 -43.17
C LYS D 78 -4.31 -3.11 -41.72
N ILE D 79 -5.32 -2.66 -40.97
CA ILE D 79 -5.20 -2.41 -39.54
C ILE D 79 -6.01 -3.49 -38.81
N THR D 80 -5.47 -3.98 -37.69
CA THR D 80 -6.15 -4.98 -36.88
C THR D 80 -6.51 -4.35 -35.53
N MET D 81 -7.70 -4.70 -35.01
CA MET D 81 -8.23 -4.08 -33.81
C MET D 81 -8.99 -5.11 -32.98
N THR D 82 -8.68 -5.15 -31.68
CA THR D 82 -9.41 -5.96 -30.73
C THR D 82 -10.48 -5.10 -30.07
N ILE D 83 -11.74 -5.53 -30.16
CA ILE D 83 -12.87 -4.71 -29.73
C ILE D 83 -13.72 -5.48 -28.73
N ARG D 84 -14.28 -4.73 -27.76
CA ARG D 84 -15.33 -5.23 -26.89
C ARG D 84 -16.61 -4.50 -27.26
N ASP D 85 -17.68 -5.27 -27.54
CA ASP D 85 -18.90 -4.72 -28.12
C ASP D 85 -19.69 -3.96 -27.06
N ARG D 86 -19.94 -2.67 -27.33
CA ARG D 86 -20.74 -1.79 -26.50
C ARG D 86 -20.92 -2.37 -25.09
N PRO D 87 -19.93 -2.20 -24.19
CA PRO D 87 -20.03 -2.71 -22.82
C PRO D 87 -20.96 -1.93 -21.88
N PHE D 88 -21.37 -0.71 -22.28
CA PHE D 88 -22.29 0.10 -21.49
C PHE D 88 -23.70 0.06 -22.08
N GLU D 89 -24.04 -1.05 -22.74
CA GLU D 89 -25.35 -1.24 -23.35
C GLU D 89 -26.37 -1.52 -22.27
N ARG D 90 -27.48 -0.77 -22.29
CA ARG D 90 -28.61 -0.99 -21.40
C ARG D 90 -29.90 -0.93 -22.21
N THR D 91 -30.73 -1.98 -22.07
CA THR D 91 -32.03 -2.04 -22.72
C THR D 91 -33.12 -1.73 -21.70
N ILE D 92 -34.14 -0.99 -22.15
CA ILE D 92 -35.31 -0.69 -21.33
C ILE D 92 -36.57 -0.78 -22.20
N THR D 93 -37.55 -1.56 -21.73
CA THR D 93 -38.84 -1.69 -22.40
C THR D 93 -39.87 -0.79 -21.73
N MET D 94 -40.60 -0.03 -22.54
CA MET D 94 -41.58 0.94 -22.07
C MET D 94 -42.87 0.77 -22.86
N HIS D 95 -43.98 1.31 -22.33
CA HIS D 95 -45.28 1.22 -22.98
C HIS D 95 -45.88 2.61 -23.16
N LYS D 96 -46.46 2.84 -24.34
CA LYS D 96 -47.08 4.13 -24.66
C LYS D 96 -48.38 4.28 -23.86
N ASP D 97 -48.70 5.53 -23.52
CA ASP D 97 -49.94 5.85 -22.81
C ASP D 97 -51.06 6.05 -23.82
N SER D 98 -52.16 6.67 -23.37
CA SER D 98 -53.28 6.99 -24.24
C SER D 98 -52.86 7.97 -25.34
N THR D 99 -52.02 8.95 -24.99
CA THR D 99 -51.58 9.97 -25.92
C THR D 99 -50.50 9.44 -26.85
N GLY D 100 -50.11 8.17 -26.68
CA GLY D 100 -49.13 7.53 -27.55
C GLY D 100 -47.70 7.98 -27.24
N HIS D 101 -47.38 8.10 -25.94
CA HIS D 101 -46.11 8.64 -25.48
C HIS D 101 -45.60 7.81 -24.30
N VAL D 102 -44.28 7.60 -24.25
CA VAL D 102 -43.64 6.84 -23.18
C VAL D 102 -43.11 7.79 -22.12
N GLY D 103 -42.72 9.01 -22.55
CA GLY D 103 -42.53 10.12 -21.63
C GLY D 103 -41.06 10.46 -21.39
N PHE D 104 -40.38 10.97 -22.43
CA PHE D 104 -39.10 11.62 -22.26
C PHE D 104 -38.84 12.62 -23.38
N ILE D 105 -37.96 13.58 -23.11
CA ILE D 105 -37.54 14.60 -24.05
C ILE D 105 -36.10 14.30 -24.46
N PHE D 106 -35.75 14.59 -25.71
CA PHE D 106 -34.40 14.37 -26.21
C PHE D 106 -33.98 15.50 -27.15
N LYS D 107 -32.67 15.74 -27.23
CA LYS D 107 -32.07 16.67 -28.18
C LYS D 107 -30.76 16.08 -28.68
N ASN D 108 -30.56 16.11 -30.01
CA ASN D 108 -29.41 15.50 -30.66
C ASN D 108 -29.28 14.03 -30.28
N GLY D 109 -30.42 13.34 -30.20
CA GLY D 109 -30.46 11.91 -29.92
C GLY D 109 -29.98 11.55 -28.52
N LYS D 110 -30.14 12.49 -27.57
CA LYS D 110 -29.74 12.28 -26.19
C LYS D 110 -30.87 12.70 -25.27
N ILE D 111 -31.21 11.84 -24.31
CA ILE D 111 -32.33 12.04 -23.40
C ILE D 111 -31.97 13.18 -22.45
N THR D 112 -32.84 14.20 -22.38
CA THR D 112 -32.56 15.42 -21.63
C THR D 112 -33.49 15.58 -20.43
N SER D 113 -34.67 14.94 -20.47
CA SER D 113 -35.64 15.05 -19.38
C SER D 113 -36.63 13.89 -19.42
N ILE D 114 -37.13 13.50 -18.24
CA ILE D 114 -38.15 12.46 -18.13
C ILE D 114 -39.46 13.10 -17.71
N VAL D 115 -40.57 12.59 -18.26
CA VAL D 115 -41.90 13.12 -18.00
C VAL D 115 -42.47 12.44 -16.76
N LYS D 116 -43.06 13.25 -15.88
CA LYS D 116 -43.52 12.83 -14.57
C LYS D 116 -44.60 11.76 -14.71
N ASP D 117 -44.46 10.69 -13.91
CA ASP D 117 -45.44 9.63 -13.82
C ASP D 117 -45.76 9.05 -15.20
N SER D 118 -44.71 8.88 -16.00
CA SER D 118 -44.81 8.25 -17.31
C SER D 118 -44.28 6.82 -17.22
N SER D 119 -44.25 6.12 -18.36
CA SER D 119 -43.68 4.78 -18.44
C SER D 119 -42.17 4.82 -18.26
N ALA D 120 -41.55 5.91 -18.75
CA ALA D 120 -40.11 6.10 -18.64
C ALA D 120 -39.71 6.35 -17.19
N ALA D 121 -40.53 7.13 -16.46
CA ALA D 121 -40.31 7.40 -15.06
C ALA D 121 -40.45 6.13 -14.24
N ARG D 122 -41.45 5.32 -14.59
CA ARG D 122 -41.79 4.09 -13.89
C ARG D 122 -40.65 3.08 -14.00
N ASN D 123 -39.94 3.07 -15.14
CA ASN D 123 -38.90 2.09 -15.40
C ASN D 123 -37.51 2.67 -15.14
N GLY D 124 -37.46 3.94 -14.71
CA GLY D 124 -36.23 4.53 -14.20
C GLY D 124 -35.22 4.86 -15.30
N LEU D 125 -35.69 5.50 -16.37
CA LEU D 125 -34.84 5.96 -17.45
C LEU D 125 -34.02 7.16 -16.98
N LEU D 126 -32.80 7.30 -17.52
CA LEU D 126 -31.86 8.31 -17.07
C LEU D 126 -31.57 9.29 -18.22
N THR D 127 -31.29 10.54 -17.85
CA THR D 127 -30.87 11.56 -18.82
C THR D 127 -29.39 11.38 -19.11
N GLU D 128 -28.87 12.20 -20.02
CA GLU D 128 -27.47 12.15 -20.43
C GLU D 128 -27.14 10.75 -20.93
N HIS D 129 -28.07 10.18 -21.71
CA HIS D 129 -27.88 8.89 -22.37
C HIS D 129 -28.33 9.01 -23.82
N ASN D 130 -27.48 8.55 -24.75
CA ASN D 130 -27.79 8.57 -26.16
C ASN D 130 -28.68 7.37 -26.51
N ILE D 131 -29.65 7.60 -27.40
CA ILE D 131 -30.48 6.53 -27.93
C ILE D 131 -29.70 5.87 -29.08
N CYS D 132 -29.53 4.55 -29.00
CA CYS D 132 -28.75 3.80 -29.96
C CYS D 132 -29.67 3.05 -30.93
N GLU D 133 -30.63 2.29 -30.37
CA GLU D 133 -31.58 1.55 -31.17
C GLU D 133 -33.00 1.81 -30.65
N ILE D 134 -33.98 1.53 -31.50
CA ILE D 134 -35.38 1.52 -31.12
C ILE D 134 -36.04 0.31 -31.80
N ASN D 135 -36.30 -0.73 -31.00
CA ASN D 135 -36.87 -1.98 -31.48
C ASN D 135 -36.01 -2.58 -32.59
N GLY D 136 -34.69 -2.50 -32.42
CA GLY D 136 -33.74 -3.11 -33.36
C GLY D 136 -33.23 -2.13 -34.42
N GLN D 137 -33.96 -1.03 -34.64
CA GLN D 137 -33.60 -0.03 -35.63
C GLN D 137 -32.55 0.90 -35.03
N ASN D 138 -31.37 0.98 -35.67
CA ASN D 138 -30.31 1.87 -35.23
C ASN D 138 -30.67 3.31 -35.57
N VAL D 139 -30.49 4.23 -34.61
CA VAL D 139 -30.89 5.62 -34.78
C VAL D 139 -29.70 6.55 -34.56
N ILE D 140 -28.48 6.00 -34.60
CA ILE D 140 -27.28 6.83 -34.48
C ILE D 140 -27.07 7.57 -35.80
N GLY D 141 -26.86 8.88 -35.70
CA GLY D 141 -26.61 9.73 -36.86
C GLY D 141 -27.89 10.15 -37.59
N LEU D 142 -29.04 9.98 -36.93
CA LEU D 142 -30.30 10.46 -37.47
C LEU D 142 -30.64 11.81 -36.84
N LYS D 143 -31.45 12.61 -37.55
CA LYS D 143 -31.95 13.87 -37.03
C LYS D 143 -33.07 13.59 -36.05
N ASP D 144 -33.35 14.55 -35.16
CA ASP D 144 -34.31 14.35 -34.08
C ASP D 144 -35.69 14.03 -34.65
N SER D 145 -36.05 14.70 -35.75
CA SER D 145 -37.34 14.52 -36.40
C SER D 145 -37.48 13.11 -36.96
N GLN D 146 -36.37 12.53 -37.44
CA GLN D 146 -36.36 11.18 -37.98
C GLN D 146 -36.51 10.15 -36.86
N ILE D 147 -36.00 10.49 -35.67
CA ILE D 147 -36.15 9.64 -34.50
C ILE D 147 -37.61 9.66 -34.07
N ALA D 148 -38.22 10.85 -34.04
CA ALA D 148 -39.60 11.03 -33.64
C ALA D 148 -40.53 10.22 -34.55
N ASP D 149 -40.20 10.16 -35.84
CA ASP D 149 -40.97 9.38 -36.81
C ASP D 149 -40.97 7.91 -36.40
N ILE D 150 -39.82 7.39 -36.00
CA ILE D 150 -39.67 5.99 -35.64
C ILE D 150 -40.45 5.71 -34.35
N LEU D 151 -40.39 6.64 -33.40
CA LEU D 151 -41.15 6.55 -32.16
C LEU D 151 -42.65 6.55 -32.47
N SER D 152 -43.07 7.47 -33.35
CA SER D 152 -44.47 7.64 -33.71
C SER D 152 -44.99 6.37 -34.40
N THR D 153 -44.15 5.78 -35.25
CA THR D 153 -44.54 4.65 -36.08
C THR D 153 -44.31 3.33 -35.33
N SER D 154 -43.87 3.42 -34.07
CA SER D 154 -43.76 2.23 -33.23
C SER D 154 -45.14 1.82 -32.73
N GLY D 155 -45.24 0.56 -32.29
CA GLY D 155 -46.42 0.07 -31.59
C GLY D 155 -46.46 0.59 -30.15
N THR D 156 -47.24 -0.08 -29.30
CA THR D 156 -47.38 0.32 -27.91
C THR D 156 -46.10 0.02 -27.15
N VAL D 157 -45.49 -1.14 -27.43
CA VAL D 157 -44.27 -1.58 -26.75
C VAL D 157 -43.07 -0.93 -27.41
N VAL D 158 -42.29 -0.17 -26.61
CA VAL D 158 -41.13 0.55 -27.12
C VAL D 158 -39.89 0.11 -26.34
N THR D 159 -39.04 -0.69 -26.98
CA THR D 159 -37.76 -1.09 -26.42
C THR D 159 -36.66 -0.22 -27.03
N ILE D 160 -35.87 0.43 -26.18
CA ILE D 160 -34.75 1.25 -26.64
C ILE D 160 -33.46 0.78 -25.95
N THR D 161 -32.35 0.97 -26.65
CA THR D 161 -31.02 0.72 -26.10
C THR D 161 -30.33 2.07 -25.89
N ILE D 162 -29.67 2.23 -24.74
CA ILE D 162 -29.08 3.51 -24.37
C ILE D 162 -27.64 3.30 -23.88
N MET D 163 -26.93 4.42 -23.79
CA MET D 163 -25.52 4.45 -23.38
C MET D 163 -25.23 5.80 -22.76
N PRO D 164 -24.31 5.90 -21.78
CA PRO D 164 -23.88 7.21 -21.26
C PRO D 164 -23.30 8.09 -22.37
N ALA D 165 -23.56 9.40 -22.28
CA ALA D 165 -23.17 10.35 -23.30
C ALA D 165 -21.66 10.60 -23.25
#